data_6CO1
#
_entry.id   6CO1
#
_cell.length_a   61.840
_cell.length_b   77.030
_cell.length_c   77.240
_cell.angle_alpha   85.24
_cell.angle_beta   86.07
_cell.angle_gamma   86.09
#
_symmetry.space_group_name_H-M   'P 1'
#
loop_
_entity.id
_entity.type
_entity.pdbx_description
1 polymer 'Tudor-interacting repair regulator protein'
2 polymer 'TP53-binding protein 1'
3 water water
#
loop_
_entity_poly.entity_id
_entity_poly.type
_entity_poly.pdbx_seq_one_letter_code
_entity_poly.pdbx_strand_id
1 'polypeptide(L)'
;MVPELKQISRVEAMRLGPGWSHSCHAMLYAANPGQLFGRIPMRFSVLMQMRFDGLLGFPGGFVDRRFWSLEDGLNRVLGL
GLGCLRLTEADYLSSHLTEGPHRVVAHLYARQLTLEQLHAVEISAVHSRDHGLEVLGLVRVPLYTQKDRVGGFPNFLSNA
FVSTAKCQLLFALKVLNMMPEEKLVEALAAATEKQKKALEKLLPASS
;
A,B,C,D
2 'polypeptide(L)'
;GHMNSFVGLRVVAKWSSNGYFYSGKITRDVGAGKYKLLFDDGYECDVLGKDILLCDPIPLDTEVTALSEDEYFSAGVVKG
HRKESGELYYSIEKEGQRKWYKRMAVILSLEQGNRLREQYGLG
;
E,F
#
# COMPACT_ATOMS: atom_id res chain seq x y z
N VAL A 2 5.33 1.14 35.54
CA VAL A 2 4.54 0.61 34.43
C VAL A 2 3.95 1.77 33.63
N PRO A 3 4.23 1.80 32.32
CA PRO A 3 3.66 2.88 31.48
C PRO A 3 2.16 2.70 31.33
N GLU A 4 1.43 3.79 31.51
CA GLU A 4 -0.03 3.77 31.48
C GLU A 4 -0.54 4.84 30.53
N LEU A 5 -1.53 4.49 29.72
CA LEU A 5 -2.21 5.42 28.84
C LEU A 5 -3.48 5.93 29.50
N LYS A 6 -3.93 7.10 29.06
CA LYS A 6 -5.15 7.69 29.63
C LYS A 6 -6.37 6.93 29.16
N GLN A 7 -7.19 6.48 30.11
CA GLN A 7 -8.38 5.72 29.78
C GLN A 7 -9.53 6.65 29.41
N ILE A 8 -10.43 6.12 28.59
CA ILE A 8 -11.66 6.81 28.21
C ILE A 8 -12.77 5.79 28.15
N SER A 9 -13.94 6.13 28.68
CA SER A 9 -15.08 5.24 28.60
C SER A 9 -15.46 5.01 27.14
N ARG A 10 -16.15 3.90 26.89
CA ARG A 10 -16.55 3.56 25.53
C ARG A 10 -17.48 4.62 24.95
N VAL A 11 -18.55 4.95 25.67
CA VAL A 11 -19.55 5.88 25.15
C VAL A 11 -18.92 7.23 24.84
N GLU A 12 -17.90 7.63 25.60
CA GLU A 12 -17.22 8.89 25.34
C GLU A 12 -16.24 8.77 24.18
N ALA A 13 -15.70 7.57 23.95
CA ALA A 13 -14.88 7.35 22.75
C ALA A 13 -15.75 7.39 21.49
N MET A 14 -16.99 6.90 21.59
CA MET A 14 -17.90 6.95 20.45
C MET A 14 -18.34 8.37 20.12
N ARG A 15 -18.09 9.32 21.01
CA ARG A 15 -18.41 10.71 20.76
C ARG A 15 -17.23 11.49 20.17
N LEU A 16 -16.04 10.90 20.17
CA LEU A 16 -14.90 11.53 19.53
C LEU A 16 -15.21 11.84 18.07
N GLY A 17 -14.69 12.96 17.59
CA GLY A 17 -14.98 13.43 16.26
C GLY A 17 -14.27 12.64 15.18
N PRO A 18 -14.61 12.88 13.92
CA PRO A 18 -14.01 12.12 12.82
C PRO A 18 -12.50 12.29 12.70
N GLY A 19 -11.92 13.28 13.37
CA GLY A 19 -10.47 13.44 13.37
C GLY A 19 -9.73 12.38 14.17
N TRP A 20 -10.45 11.51 14.87
CA TRP A 20 -9.85 10.44 15.65
C TRP A 20 -9.88 9.14 14.86
N SER A 21 -8.76 8.43 14.87
CA SER A 21 -8.71 7.07 14.36
C SER A 21 -8.92 6.09 15.50
N HIS A 22 -9.66 5.02 15.22
CA HIS A 22 -9.95 3.98 16.20
C HIS A 22 -9.20 2.71 15.83
N SER A 23 -8.53 2.11 16.81
CA SER A 23 -7.90 0.81 16.64
C SER A 23 -8.51 -0.17 17.61
N CYS A 24 -8.72 -1.40 17.14
CA CYS A 24 -9.20 -2.49 17.96
C CYS A 24 -8.23 -3.65 17.87
N HIS A 25 -7.77 -4.14 19.01
CA HIS A 25 -6.87 -5.28 19.09
C HIS A 25 -7.38 -6.24 20.15
N ALA A 26 -7.02 -7.51 19.99
CA ALA A 26 -7.49 -8.58 20.86
C ALA A 26 -6.30 -9.22 21.58
N MET A 27 -6.45 -9.43 22.89
CA MET A 27 -5.48 -10.21 23.65
C MET A 27 -6.11 -11.58 23.90
N LEU A 28 -5.63 -12.58 23.18
CA LEU A 28 -6.07 -13.95 23.33
C LEU A 28 -5.10 -14.69 24.24
N TYR A 29 -5.63 -15.39 25.23
CA TYR A 29 -4.78 -16.09 26.18
C TYR A 29 -5.52 -17.33 26.68
N ALA A 30 -4.78 -18.20 27.36
CA ALA A 30 -5.35 -19.44 27.87
C ALA A 30 -4.48 -19.95 29.01
N ALA A 31 -5.11 -20.63 29.95
CA ALA A 31 -4.35 -21.32 31.00
C ALA A 31 -3.51 -22.43 30.38
N ASN A 32 -2.26 -22.54 30.84
CA ASN A 32 -1.32 -23.50 30.29
C ASN A 32 -0.73 -24.32 31.44
N PRO A 33 -1.12 -25.60 31.58
CA PRO A 33 -0.53 -26.43 32.64
C PRO A 33 0.85 -26.96 32.33
N GLY A 34 1.40 -26.66 31.16
CA GLY A 34 2.70 -27.16 30.80
C GLY A 34 3.80 -26.61 31.68
N GLN A 35 4.96 -27.27 31.61
CA GLN A 35 6.14 -26.89 32.37
C GLN A 35 7.34 -26.92 31.45
N LEU A 36 7.96 -25.75 31.25
CA LEU A 36 9.15 -25.69 30.42
C LEU A 36 10.27 -26.49 31.06
N PHE A 37 10.90 -27.35 30.26
CA PHE A 37 11.93 -28.27 30.75
C PHE A 37 11.40 -29.22 31.80
N GLY A 38 10.08 -29.33 31.94
CA GLY A 38 9.49 -30.13 32.99
C GLY A 38 9.74 -29.61 34.39
N ARG A 39 10.05 -28.33 34.54
N ARG A 39 10.05 -28.33 34.54
CA ARG A 39 10.34 -27.78 35.86
CA ARG A 39 10.34 -27.78 35.86
C ARG A 39 9.93 -26.32 36.02
C ARG A 39 9.93 -26.33 36.02
N ILE A 40 9.45 -25.65 34.98
CA ILE A 40 9.06 -24.25 35.07
C ILE A 40 7.61 -24.11 34.59
N PRO A 41 6.66 -23.99 35.53
CA PRO A 41 5.25 -23.84 35.10
C PRO A 41 5.05 -22.57 34.29
N MET A 42 4.30 -22.70 33.20
CA MET A 42 4.05 -21.60 32.29
C MET A 42 2.85 -20.75 32.71
N ARG A 43 1.88 -21.35 33.39
CA ARG A 43 0.72 -20.65 33.94
C ARG A 43 -0.25 -20.21 32.84
N PHE A 44 0.14 -19.22 32.05
CA PHE A 44 -0.71 -18.73 30.96
C PHE A 44 0.12 -18.49 29.72
N SER A 45 -0.52 -18.62 28.57
CA SER A 45 0.05 -18.23 27.29
C SER A 45 -0.78 -17.09 26.72
N VAL A 46 -0.10 -16.05 26.24
CA VAL A 46 -0.75 -14.92 25.56
C VAL A 46 -0.18 -14.82 24.16
N LEU A 47 -1.03 -14.46 23.20
CA LEU A 47 -0.63 -14.39 21.80
C LEU A 47 -0.36 -12.94 21.40
N MET A 48 0.83 -12.70 20.87
CA MET A 48 1.18 -11.45 20.20
C MET A 48 1.72 -11.81 18.82
N GLN A 49 2.19 -10.82 18.08
CA GLN A 49 2.63 -11.06 16.72
C GLN A 49 3.71 -10.06 16.32
N MET A 50 4.61 -10.52 15.47
CA MET A 50 5.55 -9.64 14.79
C MET A 50 4.85 -8.95 13.63
N ARG A 51 4.90 -7.62 13.62
CA ARG A 51 4.23 -6.84 12.59
C ARG A 51 5.17 -6.57 11.42
N PHE A 52 4.58 -6.12 10.31
CA PHE A 52 5.35 -5.76 9.14
C PHE A 52 6.45 -4.75 9.47
N ASP A 53 6.21 -3.86 10.43
CA ASP A 53 7.16 -2.81 10.74
C ASP A 53 8.22 -3.24 11.75
N GLY A 54 8.30 -4.54 12.04
CA GLY A 54 9.34 -5.05 12.91
C GLY A 54 9.08 -4.88 14.39
N LEU A 55 7.84 -4.60 14.79
CA LEU A 55 7.48 -4.40 16.18
C LEU A 55 6.48 -5.46 16.62
N LEU A 56 6.48 -5.74 17.92
CA LEU A 56 5.52 -6.66 18.51
C LEU A 56 4.23 -5.93 18.87
N GLY A 57 3.12 -6.64 18.73
CA GLY A 57 1.82 -6.08 19.07
C GLY A 57 0.79 -7.18 19.16
N PHE A 58 -0.45 -6.76 19.42
CA PHE A 58 -1.56 -7.71 19.46
C PHE A 58 -2.20 -7.83 18.09
N PRO A 59 -2.92 -8.92 17.83
CA PRO A 59 -3.73 -8.99 16.61
C PRO A 59 -4.75 -7.87 16.58
N GLY A 60 -5.06 -7.40 15.37
CA GLY A 60 -6.04 -6.36 15.16
C GLY A 60 -5.46 -5.25 14.32
N GLY A 61 -6.12 -4.09 14.37
CA GLY A 61 -5.66 -2.94 13.62
C GLY A 61 -6.64 -1.80 13.71
N PHE A 62 -6.55 -0.89 12.75
CA PHE A 62 -7.49 0.23 12.68
C PHE A 62 -8.80 -0.24 12.07
N VAL A 63 -9.90 0.27 12.63
CA VAL A 63 -11.24 -0.13 12.20
C VAL A 63 -11.99 1.09 11.69
N ASP A 64 -12.93 0.83 10.80
CA ASP A 64 -13.86 1.84 10.30
C ASP A 64 -15.15 1.70 11.08
N ARG A 65 -15.57 2.76 11.75
CA ARG A 65 -16.79 2.74 12.55
C ARG A 65 -17.78 3.82 12.10
N ARG A 66 -17.73 4.20 10.83
CA ARG A 66 -18.75 5.10 10.29
C ARG A 66 -20.13 4.44 10.35
N PHE A 67 -20.22 3.18 9.94
CA PHE A 67 -21.48 2.47 9.84
C PHE A 67 -21.43 1.10 10.50
N TRP A 68 -20.37 0.79 11.24
CA TRP A 68 -20.22 -0.51 11.88
C TRP A 68 -19.82 -0.31 13.33
N SER A 69 -20.14 -1.31 14.15
CA SER A 69 -19.75 -1.31 15.55
C SER A 69 -18.25 -1.54 15.68
N LEU A 70 -17.75 -1.40 16.92
CA LEU A 70 -16.35 -1.70 17.19
C LEU A 70 -16.06 -3.19 17.09
N GLU A 71 -17.05 -4.03 17.39
CA GLU A 71 -16.84 -5.47 17.32
C GLU A 71 -16.77 -5.94 15.87
N ASP A 72 -17.64 -5.40 15.01
CA ASP A 72 -17.63 -5.79 13.61
C ASP A 72 -16.30 -5.41 12.95
N GLY A 73 -15.79 -4.23 13.27
CA GLY A 73 -14.50 -3.82 12.72
C GLY A 73 -13.35 -4.69 13.19
N LEU A 74 -13.33 -5.00 14.50
CA LEU A 74 -12.31 -5.89 15.03
C LEU A 74 -12.35 -7.24 14.32
N ASN A 75 -13.54 -7.80 14.15
CA ASN A 75 -13.64 -9.13 13.55
C ASN A 75 -13.19 -9.13 12.10
N ARG A 76 -13.33 -8.00 11.40
N ARG A 76 -13.34 -8.01 11.39
CA ARG A 76 -12.83 -7.92 10.03
CA ARG A 76 -12.83 -7.93 10.03
C ARG A 76 -11.32 -8.01 9.99
C ARG A 76 -11.31 -8.03 10.01
N VAL A 77 -10.64 -7.24 10.84
CA VAL A 77 -9.17 -7.27 10.87
C VAL A 77 -8.66 -8.56 11.51
N LEU A 78 -9.46 -9.21 12.35
CA LEU A 78 -9.07 -10.52 12.88
C LEU A 78 -9.27 -11.63 11.85
N GLY A 79 -10.32 -11.52 11.03
CA GLY A 79 -10.51 -12.51 9.97
C GLY A 79 -9.39 -12.50 8.95
N LEU A 80 -8.80 -11.33 8.71
CA LEU A 80 -7.66 -11.24 7.80
C LEU A 80 -6.36 -11.64 8.48
N GLY A 81 -6.21 -11.30 9.76
CA GLY A 81 -4.97 -11.50 10.48
C GLY A 81 -4.85 -12.82 11.21
N LEU A 82 -5.98 -13.38 11.66
CA LEU A 82 -6.00 -14.66 12.34
C LEU A 82 -6.87 -15.70 11.67
N GLY A 83 -7.83 -15.31 10.84
CA GLY A 83 -8.78 -16.25 10.28
C GLY A 83 -9.56 -17.01 11.32
N CYS A 84 -9.58 -16.53 12.56
CA CYS A 84 -10.20 -17.25 13.67
C CYS A 84 -11.69 -16.89 13.75
N LEU A 85 -12.32 -17.23 14.87
CA LEU A 85 -13.75 -17.02 15.03
C LEU A 85 -14.03 -15.61 15.52
N ARG A 86 -15.26 -15.36 15.96
CA ARG A 86 -15.76 -14.02 16.19
C ARG A 86 -15.69 -13.67 17.67
N LEU A 87 -15.34 -12.41 17.96
CA LEU A 87 -15.42 -11.85 19.29
C LEU A 87 -16.64 -10.95 19.38
N THR A 88 -17.07 -10.68 20.61
CA THR A 88 -18.31 -9.94 20.84
C THR A 88 -18.07 -8.80 21.82
N GLU A 89 -19.13 -8.05 22.10
N GLU A 89 -19.13 -8.04 22.09
CA GLU A 89 -19.02 -6.93 23.03
CA GLU A 89 -19.05 -6.92 23.03
C GLU A 89 -18.72 -7.38 24.45
C GLU A 89 -18.69 -7.39 24.44
N ALA A 90 -18.99 -8.64 24.78
CA ALA A 90 -18.65 -9.17 26.09
C ALA A 90 -17.14 -9.32 26.29
N ASP A 91 -16.36 -9.25 25.22
CA ASP A 91 -14.91 -9.34 25.30
C ASP A 91 -14.23 -7.99 25.41
N TYR A 92 -14.99 -6.90 25.30
CA TYR A 92 -14.41 -5.56 25.41
C TYR A 92 -13.88 -5.34 26.81
N LEU A 93 -12.65 -4.84 26.90
CA LEU A 93 -11.98 -4.63 28.19
C LEU A 93 -11.79 -3.16 28.52
N SER A 94 -11.22 -2.37 27.60
CA SER A 94 -10.90 -0.99 27.92
C SER A 94 -10.62 -0.23 26.63
N SER A 95 -10.57 1.10 26.76
CA SER A 95 -10.19 2.01 25.68
C SER A 95 -9.19 3.01 26.23
N HIS A 96 -8.16 3.32 25.43
CA HIS A 96 -7.11 4.23 25.85
C HIS A 96 -6.84 5.25 24.75
N LEU A 97 -6.43 6.44 25.17
CA LEU A 97 -5.94 7.45 24.24
C LEU A 97 -4.44 7.27 24.09
N THR A 98 -4.00 6.94 22.88
CA THR A 98 -2.61 6.59 22.67
C THR A 98 -1.73 7.84 22.75
N GLU A 99 -0.43 7.60 22.93
CA GLU A 99 0.51 8.71 22.87
C GLU A 99 0.52 9.30 21.47
N GLY A 100 0.61 10.62 21.40
CA GLY A 100 0.52 11.32 20.13
C GLY A 100 1.61 10.90 19.17
N PRO A 101 1.83 11.71 18.12
CA PRO A 101 1.13 12.97 17.85
C PRO A 101 -0.28 12.77 17.26
N HIS A 102 -0.50 11.65 16.58
N HIS A 102 -0.48 11.65 16.58
CA HIS A 102 -1.79 11.40 15.96
CA HIS A 102 -1.78 11.38 15.96
C HIS A 102 -2.85 11.13 17.00
C HIS A 102 -2.86 11.16 17.02
N ARG A 103 -4.09 11.50 16.66
CA ARG A 103 -5.25 11.31 17.52
C ARG A 103 -5.78 9.90 17.30
N VAL A 104 -5.48 9.00 18.23
CA VAL A 104 -5.90 7.61 18.13
C VAL A 104 -6.44 7.16 19.49
N VAL A 105 -7.57 6.46 19.45
CA VAL A 105 -8.11 5.79 20.64
C VAL A 105 -8.03 4.29 20.40
N ALA A 106 -7.41 3.58 21.34
CA ALA A 106 -7.14 2.16 21.19
C ALA A 106 -8.08 1.37 22.10
N HIS A 107 -8.90 0.51 21.50
CA HIS A 107 -9.81 -0.35 22.24
C HIS A 107 -9.18 -1.73 22.37
N LEU A 108 -9.25 -2.29 23.57
CA LEU A 108 -8.66 -3.59 23.86
C LEU A 108 -9.76 -4.59 24.19
N TYR A 109 -9.71 -5.76 23.56
CA TYR A 109 -10.56 -6.88 23.88
C TYR A 109 -9.70 -8.01 24.44
N ALA A 110 -10.32 -8.88 25.22
CA ALA A 110 -9.61 -10.00 25.82
C ALA A 110 -10.57 -11.15 26.08
N ARG A 111 -10.19 -12.34 25.63
CA ARG A 111 -10.94 -13.56 25.91
C ARG A 111 -9.97 -14.65 26.33
N GLN A 112 -10.35 -15.38 27.37
CA GLN A 112 -9.63 -16.58 27.77
C GLN A 112 -10.18 -17.77 26.98
N LEU A 113 -9.32 -18.42 26.23
CA LEU A 113 -9.67 -19.65 25.51
C LEU A 113 -9.10 -20.85 26.25
N THR A 114 -9.40 -22.04 25.75
CA THR A 114 -8.64 -23.22 26.13
C THR A 114 -7.31 -23.23 25.38
N LEU A 115 -6.33 -23.94 25.93
CA LEU A 115 -5.05 -24.05 25.25
C LEU A 115 -5.22 -24.66 23.86
N GLU A 116 -6.12 -25.64 23.72
CA GLU A 116 -6.43 -26.21 22.42
C GLU A 116 -6.95 -25.14 21.46
N GLN A 117 -7.91 -24.34 21.92
CA GLN A 117 -8.46 -23.27 21.09
C GLN A 117 -7.40 -22.22 20.77
N LEU A 118 -6.44 -22.01 21.67
CA LEU A 118 -5.37 -21.06 21.41
C LEU A 118 -4.45 -21.57 20.32
N HIS A 119 -4.12 -22.86 20.34
CA HIS A 119 -3.30 -23.44 19.28
C HIS A 119 -4.03 -23.42 17.94
N ALA A 120 -5.35 -23.63 17.96
CA ALA A 120 -6.11 -23.55 16.72
C ALA A 120 -6.07 -22.15 16.13
N VAL A 121 -5.91 -21.13 16.96
CA VAL A 121 -5.74 -19.77 16.45
C VAL A 121 -4.38 -19.63 15.77
N GLU A 122 -3.35 -20.27 16.32
CA GLU A 122 -2.03 -20.22 15.71
C GLU A 122 -2.00 -20.96 14.38
N ILE A 123 -2.72 -22.08 14.29
CA ILE A 123 -2.79 -22.83 13.03
C ILE A 123 -3.51 -22.01 11.96
N SER A 124 -4.64 -21.41 12.32
N SER A 124 -4.65 -21.42 12.31
CA SER A 124 -5.38 -20.60 11.35
CA SER A 124 -5.38 -20.60 11.36
C SER A 124 -4.61 -19.35 10.95
C SER A 124 -4.58 -19.38 10.94
N ALA A 125 -3.75 -18.85 11.84
CA ALA A 125 -3.03 -17.61 11.54
C ALA A 125 -1.98 -17.80 10.45
N VAL A 126 -1.36 -18.98 10.38
CA VAL A 126 -0.38 -19.22 9.32
C VAL A 126 -1.04 -19.38 7.96
N HIS A 127 -2.34 -19.71 7.93
CA HIS A 127 -3.08 -19.86 6.68
C HIS A 127 -3.85 -18.60 6.31
N SER A 128 -3.68 -17.51 7.06
CA SER A 128 -4.48 -16.32 6.86
C SER A 128 -3.90 -15.44 5.76
N ARG A 129 -4.75 -14.58 5.20
CA ARG A 129 -4.34 -13.72 4.09
C ARG A 129 -3.21 -12.79 4.49
N ASP A 130 -3.24 -12.30 5.72
CA ASP A 130 -2.23 -11.33 6.17
C ASP A 130 -0.91 -11.98 6.57
N HIS A 131 -0.85 -13.31 6.63
CA HIS A 131 0.41 -13.98 6.95
C HIS A 131 1.42 -13.76 5.84
N GLY A 132 2.61 -13.27 6.21
CA GLY A 132 3.63 -12.93 5.26
C GLY A 132 3.59 -11.51 4.76
N LEU A 133 2.47 -10.81 4.97
CA LEU A 133 2.34 -9.43 4.53
C LEU A 133 2.29 -8.54 5.77
N GLU A 134 1.12 -8.26 6.32
N GLU A 134 1.11 -8.27 6.33
CA GLU A 134 1.02 -7.41 7.50
CA GLU A 134 1.04 -7.40 7.49
C GLU A 134 1.47 -8.12 8.77
C GLU A 134 1.43 -8.12 8.78
N VAL A 135 1.23 -9.43 8.87
CA VAL A 135 1.57 -10.21 10.04
C VAL A 135 2.71 -11.15 9.66
N LEU A 136 3.83 -11.05 10.39
CA LEU A 136 5.02 -11.83 10.09
C LEU A 136 5.20 -13.01 11.02
N GLY A 137 4.22 -13.32 11.84
CA GLY A 137 4.26 -14.48 12.71
C GLY A 137 3.65 -14.18 14.07
N LEU A 138 3.13 -15.22 14.71
CA LEU A 138 2.62 -15.13 16.07
C LEU A 138 3.67 -15.63 17.04
N VAL A 139 3.69 -15.03 18.23
CA VAL A 139 4.57 -15.47 19.31
C VAL A 139 3.77 -15.56 20.59
N ARG A 140 4.05 -16.58 21.39
CA ARG A 140 3.46 -16.70 22.71
C ARG A 140 4.31 -15.92 23.70
N VAL A 141 3.63 -15.22 24.62
CA VAL A 141 4.31 -14.42 25.64
C VAL A 141 4.73 -15.35 26.77
N PRO A 142 6.02 -15.43 27.12
CA PRO A 142 6.42 -16.22 28.28
C PRO A 142 6.25 -15.41 29.56
N LEU A 143 5.37 -15.89 30.43
CA LEU A 143 5.09 -15.20 31.69
C LEU A 143 5.97 -15.69 32.84
N TYR A 144 6.74 -16.76 32.63
CA TYR A 144 7.68 -17.23 33.62
C TYR A 144 8.97 -16.42 33.57
N THR A 145 9.71 -16.47 34.66
CA THR A 145 11.07 -15.95 34.74
C THR A 145 12.00 -17.08 35.16
N GLN A 146 13.18 -17.14 34.58
CA GLN A 146 14.13 -18.20 34.88
C GLN A 146 15.02 -17.80 36.05
N LYS A 147 15.84 -18.75 36.50
CA LYS A 147 16.70 -18.54 37.66
C LYS A 147 17.63 -17.35 37.46
N ASP A 148 18.03 -17.08 36.22
CA ASP A 148 18.88 -15.92 35.95
C ASP A 148 18.15 -14.59 36.07
N ARG A 149 16.84 -14.61 36.32
CA ARG A 149 16.01 -13.44 36.55
C ARG A 149 15.83 -12.56 35.32
N VAL A 150 16.20 -13.04 34.13
CA VAL A 150 16.00 -12.30 32.89
C VAL A 150 15.31 -13.18 31.87
N GLY A 151 15.72 -14.44 31.80
CA GLY A 151 15.14 -15.39 30.86
C GLY A 151 13.63 -15.48 30.98
N GLY A 152 12.93 -15.36 29.86
CA GLY A 152 11.49 -15.43 29.84
C GLY A 152 10.83 -14.07 29.75
N PHE A 153 9.97 -13.75 30.70
CA PHE A 153 9.17 -12.53 30.61
C PHE A 153 10.02 -11.26 30.61
N PRO A 154 11.04 -11.11 31.46
CA PRO A 154 11.86 -9.88 31.38
C PRO A 154 12.53 -9.71 30.03
N ASN A 155 13.17 -10.75 29.51
CA ASN A 155 13.76 -10.67 28.17
C ASN A 155 12.70 -10.32 27.12
N PHE A 156 11.49 -10.87 27.26
CA PHE A 156 10.46 -10.60 26.26
C PHE A 156 10.08 -9.12 26.25
N LEU A 157 9.94 -8.52 27.43
CA LEU A 157 9.58 -7.11 27.52
C LEU A 157 10.67 -6.20 26.98
N SER A 158 11.90 -6.70 26.81
CA SER A 158 12.99 -5.89 26.30
C SER A 158 13.01 -5.82 24.78
N ASN A 159 12.11 -6.54 24.10
CA ASN A 159 12.00 -6.42 22.65
C ASN A 159 11.39 -5.07 22.29
N ALA A 160 11.19 -4.87 21.00
CA ALA A 160 10.61 -3.63 20.46
C ALA A 160 9.12 -3.84 20.24
N PHE A 161 8.30 -2.98 20.83
CA PHE A 161 6.86 -3.10 20.78
C PHE A 161 6.24 -1.87 20.14
N VAL A 162 5.00 -2.04 19.67
CA VAL A 162 4.10 -0.91 19.56
C VAL A 162 3.83 -0.42 20.98
N SER A 163 4.10 0.87 21.24
N SER A 163 4.09 0.86 21.23
CA SER A 163 3.97 1.39 22.58
CA SER A 163 3.99 1.40 22.58
C SER A 163 2.61 1.11 23.17
C SER A 163 2.60 1.13 23.18
N THR A 164 1.55 1.25 22.36
CA THR A 164 0.21 0.99 22.84
C THR A 164 0.07 -0.46 23.30
N ALA A 165 0.60 -1.41 22.51
CA ALA A 165 0.45 -2.81 22.83
C ALA A 165 1.15 -3.18 24.14
N LYS A 166 2.36 -2.66 24.34
CA LYS A 166 3.10 -2.96 25.57
C LYS A 166 2.35 -2.44 26.80
N CYS A 167 1.77 -1.24 26.70
CA CYS A 167 0.93 -0.74 27.77
C CYS A 167 -0.31 -1.61 27.95
N GLN A 168 -0.90 -2.06 26.85
CA GLN A 168 -2.10 -2.90 26.93
C GLN A 168 -1.79 -4.26 27.53
N LEU A 169 -0.63 -4.84 27.19
CA LEU A 169 -0.27 -6.14 27.74
C LEU A 169 -0.17 -6.09 29.26
N LEU A 170 0.58 -5.11 29.79
CA LEU A 170 0.78 -5.01 31.23
C LEU A 170 -0.51 -4.62 31.94
N PHE A 171 -1.30 -3.75 31.32
CA PHE A 171 -2.59 -3.37 31.90
C PHE A 171 -3.52 -4.58 31.99
N ALA A 172 -3.52 -5.43 30.96
CA ALA A 172 -4.41 -6.58 30.95
C ALA A 172 -3.95 -7.65 31.93
N LEU A 173 -2.65 -7.94 31.97
CA LEU A 173 -2.14 -8.95 32.88
C LEU A 173 -2.47 -8.62 34.33
N LYS A 174 -2.59 -7.33 34.66
CA LYS A 174 -2.91 -6.91 36.01
C LYS A 174 -4.40 -7.03 36.30
N VAL A 175 -5.24 -6.49 35.41
CA VAL A 175 -6.67 -6.45 35.69
C VAL A 175 -7.36 -7.77 35.42
N LEU A 176 -6.76 -8.66 34.64
CA LEU A 176 -7.29 -10.00 34.43
C LEU A 176 -6.76 -11.00 35.46
N ASN A 177 -6.02 -10.53 36.46
CA ASN A 177 -5.54 -11.38 37.55
C ASN A 177 -4.64 -12.50 37.04
N MET A 178 -3.84 -12.20 36.02
CA MET A 178 -2.89 -13.17 35.47
C MET A 178 -1.50 -13.01 36.07
N MET A 179 -1.12 -11.80 36.48
CA MET A 179 0.20 -11.54 37.04
C MET A 179 0.04 -10.53 38.17
N PRO A 180 0.58 -10.80 39.36
CA PRO A 180 0.55 -9.79 40.42
C PRO A 180 1.31 -8.54 40.00
N GLU A 181 0.69 -7.38 40.28
CA GLU A 181 1.29 -6.11 39.88
C GLU A 181 2.72 -5.97 40.38
N GLU A 182 3.03 -6.56 41.54
CA GLU A 182 4.40 -6.54 42.05
C GLU A 182 5.35 -7.30 41.13
N LYS A 183 4.88 -8.37 40.51
CA LYS A 183 5.71 -9.14 39.59
C LYS A 183 5.90 -8.41 38.25
N LEU A 184 4.91 -7.62 37.84
CA LEU A 184 5.03 -6.89 36.58
C LEU A 184 6.04 -5.76 36.67
N VAL A 185 6.02 -5.00 37.77
CA VAL A 185 6.99 -3.94 37.96
C VAL A 185 8.39 -4.53 38.07
N GLU A 186 8.51 -5.70 38.70
CA GLU A 186 9.80 -6.37 38.80
C GLU A 186 10.32 -6.77 37.43
N ALA A 187 9.49 -7.46 36.65
CA ALA A 187 9.92 -7.89 35.31
C ALA A 187 10.23 -6.68 34.43
N LEU A 188 9.38 -5.66 34.48
CA LEU A 188 9.61 -4.47 33.65
C LEU A 188 10.90 -3.77 34.06
N ALA A 189 11.24 -3.78 35.35
CA ALA A 189 12.48 -3.19 35.80
C ALA A 189 13.69 -3.97 35.30
N ALA A 190 13.63 -5.30 35.37
CA ALA A 190 14.70 -6.13 34.84
C ALA A 190 14.87 -5.91 33.34
N ALA A 191 13.76 -5.78 32.61
CA ALA A 191 13.84 -5.54 31.18
C ALA A 191 14.54 -4.22 30.88
N THR A 192 14.14 -3.15 31.56
CA THR A 192 14.78 -1.86 31.35
C THR A 192 16.26 -1.94 31.68
N GLU A 193 16.61 -2.54 32.81
CA GLU A 193 18.01 -2.72 33.18
C GLU A 193 18.78 -3.42 32.06
N LYS A 194 18.20 -4.48 31.49
CA LYS A 194 18.83 -5.17 30.37
C LYS A 194 19.02 -4.22 29.19
N GLN A 195 18.01 -3.41 28.89
CA GLN A 195 18.12 -2.45 27.79
C GLN A 195 19.20 -1.40 28.09
N LYS A 196 19.34 -1.00 29.35
CA LYS A 196 20.40 -0.06 29.72
C LYS A 196 21.76 -0.63 29.38
N LYS A 197 22.09 -1.80 29.95
CA LYS A 197 23.40 -2.40 29.74
C LYS A 197 23.69 -2.59 28.26
N ALA A 198 22.77 -3.22 27.53
CA ALA A 198 22.99 -3.48 26.11
C ALA A 198 23.28 -2.19 25.34
N LEU A 199 22.69 -1.07 25.77
CA LEU A 199 22.93 0.19 25.09
C LEU A 199 24.21 0.87 25.59
N GLU A 200 24.58 0.66 26.85
CA GLU A 200 25.82 1.22 27.36
C GLU A 200 27.02 0.68 26.59
N LYS A 201 26.97 -0.59 26.18
CA LYS A 201 28.08 -1.19 25.45
C LYS A 201 28.23 -0.54 24.08
N LEU A 202 27.13 -0.34 23.37
CA LEU A 202 27.16 0.31 22.05
C LEU A 202 26.32 1.58 22.06
N VAL B 2 29.83 -2.48 14.50
CA VAL B 2 29.00 -3.54 13.93
C VAL B 2 29.32 -4.87 14.58
N PRO B 3 28.30 -5.59 15.06
CA PRO B 3 28.54 -6.91 15.66
C PRO B 3 29.28 -7.83 14.70
N GLU B 4 30.50 -8.22 15.09
CA GLU B 4 31.33 -9.07 14.23
C GLU B 4 32.16 -9.97 15.14
N LEU B 5 31.75 -11.23 15.25
CA LEU B 5 32.47 -12.21 16.04
C LEU B 5 33.63 -12.80 15.26
N LYS B 6 34.64 -13.28 15.98
N LYS B 6 34.64 -13.28 15.98
CA LYS B 6 35.78 -13.91 15.34
CA LYS B 6 35.78 -13.91 15.34
C LYS B 6 35.33 -15.17 14.60
C LYS B 6 35.35 -15.18 14.61
N GLN B 7 35.74 -15.29 13.35
CA GLN B 7 35.40 -16.43 12.52
C GLN B 7 36.58 -17.40 12.50
N ILE B 8 36.26 -18.68 12.68
CA ILE B 8 37.27 -19.75 12.61
C ILE B 8 36.81 -20.77 11.58
N SER B 9 37.78 -21.44 10.96
CA SER B 9 37.45 -22.46 9.98
C SER B 9 36.74 -23.63 10.66
N ARG B 10 36.09 -24.46 9.84
CA ARG B 10 35.39 -25.62 10.38
C ARG B 10 36.37 -26.60 11.03
N VAL B 11 37.50 -26.84 10.37
CA VAL B 11 38.46 -27.81 10.90
C VAL B 11 39.11 -27.28 12.18
N GLU B 12 39.36 -25.97 12.24
CA GLU B 12 39.93 -25.38 13.45
C GLU B 12 38.96 -25.49 14.62
N ALA B 13 37.66 -25.53 14.35
CA ALA B 13 36.67 -25.61 15.41
C ALA B 13 36.51 -27.02 15.95
N MET B 14 36.73 -28.04 15.10
CA MET B 14 36.58 -29.43 15.53
C MET B 14 37.76 -29.94 16.33
N ARG B 15 38.89 -29.24 16.32
CA ARG B 15 40.06 -29.64 17.08
C ARG B 15 40.18 -28.89 18.40
N LEU B 16 39.21 -28.07 18.75
CA LEU B 16 39.22 -27.38 20.04
C LEU B 16 39.00 -28.37 21.18
N GLY B 17 39.55 -28.03 22.34
CA GLY B 17 39.51 -28.90 23.49
C GLY B 17 38.09 -29.20 23.95
N PRO B 18 37.97 -30.04 24.98
CA PRO B 18 36.64 -30.39 25.48
C PRO B 18 35.93 -29.27 26.21
N GLY B 19 36.67 -28.26 26.68
CA GLY B 19 36.06 -27.14 27.37
C GLY B 19 35.22 -26.25 26.49
N TRP B 20 35.19 -26.50 25.18
CA TRP B 20 34.40 -25.72 24.25
C TRP B 20 33.06 -26.40 24.00
N SER B 21 32.00 -25.60 23.99
CA SER B 21 30.67 -26.06 23.61
C SER B 21 30.39 -25.69 22.17
N HIS B 22 29.61 -26.53 21.49
CA HIS B 22 29.25 -26.33 20.10
C HIS B 22 27.74 -26.14 19.99
N SER B 23 27.34 -25.17 19.19
CA SER B 23 25.93 -24.95 18.85
C SER B 23 25.78 -24.93 17.35
N CYS B 24 24.62 -25.38 16.88
CA CYS B 24 24.32 -25.43 15.46
C CYS B 24 22.94 -24.81 15.24
N HIS B 25 22.87 -23.84 14.34
CA HIS B 25 21.62 -23.16 14.01
C HIS B 25 21.50 -23.05 12.50
N ALA B 26 20.24 -22.96 12.05
CA ALA B 26 19.92 -22.96 10.63
C ALA B 26 19.21 -21.68 10.25
N MET B 27 19.62 -21.09 9.14
CA MET B 27 18.97 -19.92 8.58
C MET B 27 18.29 -20.32 7.28
N LEU B 28 16.96 -20.42 7.31
CA LEU B 28 16.16 -20.77 6.14
C LEU B 28 15.59 -19.48 5.56
N TYR B 29 15.87 -19.25 4.27
CA TYR B 29 15.43 -18.04 3.59
C TYR B 29 14.87 -18.40 2.23
N ALA B 30 14.18 -17.44 1.63
CA ALA B 30 13.57 -17.63 0.31
C ALA B 30 13.47 -16.28 -0.37
N ALA B 31 13.71 -16.27 -1.68
CA ALA B 31 13.48 -15.07 -2.47
C ALA B 31 11.99 -14.76 -2.50
N ASN B 32 11.65 -13.50 -2.27
CA ASN B 32 10.26 -13.08 -2.16
C ASN B 32 9.95 -12.04 -3.23
N PRO B 33 9.12 -12.35 -4.24
CA PRO B 33 8.78 -11.35 -5.26
C PRO B 33 7.64 -10.43 -4.88
N GLY B 34 7.16 -10.48 -3.63
CA GLY B 34 6.01 -9.71 -3.25
C GLY B 34 6.32 -8.29 -2.84
N GLN B 35 5.29 -7.44 -2.93
N GLN B 35 5.29 -7.44 -2.90
CA GLN B 35 5.38 -6.03 -2.60
CA GLN B 35 5.40 -6.03 -2.59
C GLN B 35 4.48 -5.76 -1.41
C GLN B 35 4.47 -5.69 -1.44
N LEU B 36 5.01 -5.05 -0.41
CA LEU B 36 4.20 -4.65 0.74
C LEU B 36 3.46 -3.35 0.41
N PHE B 37 2.15 -3.35 0.64
CA PHE B 37 1.30 -2.20 0.34
C PHE B 37 1.27 -1.90 -1.16
N GLY B 38 1.89 -2.74 -1.97
CA GLY B 38 1.95 -2.49 -3.39
C GLY B 38 2.98 -1.46 -3.80
N ARG B 39 4.08 -1.34 -3.05
CA ARG B 39 5.09 -0.32 -3.36
C ARG B 39 6.49 -0.80 -2.99
N ILE B 40 6.72 -1.06 -1.71
CA ILE B 40 8.04 -1.44 -1.22
C ILE B 40 8.28 -2.92 -1.51
N PRO B 41 9.48 -3.32 -1.95
CA PRO B 41 9.72 -4.74 -2.21
C PRO B 41 10.22 -5.46 -0.97
N MET B 42 9.79 -6.71 -0.82
CA MET B 42 10.20 -7.53 0.31
C MET B 42 11.49 -8.30 0.03
N ARG B 43 11.77 -8.58 -1.25
CA ARG B 43 13.07 -9.09 -1.67
C ARG B 43 13.34 -10.50 -1.17
N PHE B 44 13.59 -10.66 0.13
CA PHE B 44 13.86 -11.96 0.71
C PHE B 44 13.08 -12.12 2.01
N SER B 45 12.72 -13.36 2.31
CA SER B 45 12.13 -13.72 3.60
C SER B 45 13.09 -14.67 4.32
N VAL B 46 13.37 -14.37 5.58
CA VAL B 46 14.23 -15.19 6.43
C VAL B 46 13.43 -15.61 7.65
N LEU B 47 13.65 -16.84 8.11
CA LEU B 47 12.93 -17.39 9.24
C LEU B 47 13.76 -17.32 10.51
N MET B 48 13.18 -16.73 11.55
CA MET B 48 13.73 -16.77 12.90
C MET B 48 12.61 -17.20 13.84
N GLN B 49 12.90 -17.25 15.15
CA GLN B 49 11.92 -17.73 16.10
C GLN B 49 12.08 -17.01 17.43
N MET B 50 10.95 -16.83 18.12
CA MET B 50 10.95 -16.38 19.50
C MET B 50 11.24 -17.58 20.40
N ARG B 51 12.31 -17.49 21.18
CA ARG B 51 12.73 -18.61 22.01
C ARG B 51 11.99 -18.60 23.35
N PHE B 52 12.13 -19.69 24.09
CA PHE B 52 11.52 -19.80 25.42
C PHE B 52 12.02 -18.69 26.34
N ASP B 53 13.26 -18.25 26.16
CA ASP B 53 13.86 -17.26 27.05
C ASP B 53 13.52 -15.82 26.64
N GLY B 54 12.57 -15.63 25.73
CA GLY B 54 12.13 -14.31 25.34
C GLY B 54 13.02 -13.62 24.33
N LEU B 55 13.97 -14.35 23.73
CA LEU B 55 14.89 -13.78 22.77
C LEU B 55 14.62 -14.34 21.39
N LEU B 56 14.98 -13.56 20.37
CA LEU B 56 14.92 -14.02 18.99
C LEU B 56 16.20 -14.75 18.62
N GLY B 57 16.07 -15.78 17.81
CA GLY B 57 17.22 -16.53 17.35
C GLY B 57 16.85 -17.42 16.19
N PHE B 58 17.80 -18.24 15.79
CA PHE B 58 17.58 -19.17 14.70
C PHE B 58 17.22 -20.55 15.25
N PRO B 59 16.48 -21.36 14.48
CA PRO B 59 16.28 -22.76 14.89
C PRO B 59 17.61 -23.46 15.07
N GLY B 60 17.66 -24.32 16.09
CA GLY B 60 18.85 -25.07 16.43
C GLY B 60 19.13 -25.01 17.91
N GLY B 61 20.34 -25.40 18.29
CA GLY B 61 20.71 -25.39 19.69
C GLY B 61 22.09 -25.96 19.89
N PHE B 62 22.36 -26.41 21.11
CA PHE B 62 23.64 -27.00 21.44
C PHE B 62 23.74 -28.43 20.95
N VAL B 63 24.94 -28.83 20.55
CA VAL B 63 25.21 -30.19 20.09
C VAL B 63 26.39 -30.72 20.88
N ASP B 64 26.21 -31.89 21.51
CA ASP B 64 27.27 -32.56 22.25
C ASP B 64 27.98 -33.51 21.30
N ARG B 65 29.23 -33.17 20.95
CA ARG B 65 29.93 -33.91 19.90
C ARG B 65 30.29 -35.33 20.32
N ARG B 66 30.31 -35.63 21.62
CA ARG B 66 30.56 -37.00 22.06
C ARG B 66 29.35 -37.90 21.86
N PHE B 67 28.24 -37.38 21.34
CA PHE B 67 27.06 -38.20 21.08
C PHE B 67 26.60 -38.02 19.63
N TRP B 68 26.74 -36.82 19.09
CA TRP B 68 26.23 -36.49 17.77
C TRP B 68 27.30 -35.81 16.93
N SER B 69 27.20 -35.97 15.61
CA SER B 69 27.88 -35.07 14.70
C SER B 69 27.12 -33.75 14.64
N LEU B 70 27.79 -32.73 14.12
CA LEU B 70 27.15 -31.42 14.01
C LEU B 70 25.85 -31.52 13.23
N GLU B 71 25.83 -32.33 12.17
CA GLU B 71 24.64 -32.42 11.31
C GLU B 71 23.53 -33.21 11.99
N ASP B 72 23.85 -34.37 12.56
CA ASP B 72 22.84 -35.17 13.23
C ASP B 72 22.28 -34.45 14.45
N GLY B 73 23.12 -33.72 15.18
CA GLY B 73 22.64 -32.96 16.31
C GLY B 73 21.72 -31.84 15.90
N LEU B 74 22.12 -31.06 14.90
CA LEU B 74 21.26 -29.97 14.41
C LEU B 74 19.93 -30.50 13.93
N ASN B 75 19.94 -31.60 13.17
CA ASN B 75 18.71 -32.11 12.58
C ASN B 75 17.77 -32.68 13.64
N ARG B 76 18.31 -33.19 14.75
CA ARG B 76 17.43 -33.64 15.83
C ARG B 76 16.64 -32.47 16.41
N VAL B 77 17.29 -31.32 16.58
CA VAL B 77 16.60 -30.14 17.08
C VAL B 77 15.62 -29.61 16.04
N LEU B 78 16.04 -29.54 14.78
CA LEU B 78 15.15 -29.05 13.73
C LEU B 78 13.90 -29.92 13.61
N GLY B 79 14.07 -31.24 13.76
CA GLY B 79 12.92 -32.13 13.66
C GLY B 79 11.87 -31.86 14.71
N LEU B 80 12.28 -31.35 15.88
CA LEU B 80 11.35 -31.09 16.96
C LEU B 80 10.62 -29.77 16.81
N GLY B 81 11.11 -28.87 15.94
CA GLY B 81 10.52 -27.55 15.82
C GLY B 81 10.03 -27.22 14.42
N LEU B 82 10.62 -27.84 13.40
CA LEU B 82 10.30 -27.52 12.02
C LEU B 82 9.67 -28.69 11.26
N GLY B 83 9.58 -29.86 11.86
CA GLY B 83 8.97 -31.01 11.19
C GLY B 83 9.99 -31.75 10.35
N CYS B 84 9.62 -32.04 9.10
CA CYS B 84 10.47 -32.81 8.20
C CYS B 84 11.33 -31.86 7.39
N LEU B 85 12.53 -31.58 7.91
CA LEU B 85 13.52 -30.79 7.18
C LEU B 85 14.89 -31.17 7.73
N ARG B 86 15.73 -31.76 6.87
N ARG B 86 15.73 -31.74 6.87
CA ARG B 86 17.06 -32.19 7.26
CA ARG B 86 17.06 -32.19 7.25
C ARG B 86 18.09 -31.45 6.41
C ARG B 86 18.09 -31.45 6.41
N LEU B 87 19.07 -30.86 7.07
CA LEU B 87 20.18 -30.20 6.40
C LEU B 87 21.39 -31.12 6.38
N THR B 88 22.36 -30.80 5.53
CA THR B 88 23.55 -31.62 5.38
C THR B 88 24.82 -30.80 5.57
N GLU B 89 25.97 -31.41 5.32
CA GLU B 89 27.24 -30.70 5.41
C GLU B 89 27.38 -29.65 4.32
N ALA B 90 26.64 -29.78 3.21
CA ALA B 90 26.69 -28.80 2.15
C ALA B 90 25.98 -27.50 2.52
N ASP B 91 25.05 -27.55 3.48
CA ASP B 91 24.36 -26.36 3.96
C ASP B 91 25.18 -25.57 4.98
N TYR B 92 26.35 -26.06 5.35
CA TYR B 92 27.19 -25.36 6.30
C TYR B 92 27.68 -24.04 5.70
N LEU B 93 27.68 -22.99 6.53
CA LEU B 93 28.04 -21.66 6.08
C LEU B 93 29.26 -21.11 6.82
N SER B 94 29.26 -21.13 8.15
CA SER B 94 30.32 -20.46 8.89
C SER B 94 30.38 -21.01 10.30
N SER B 95 31.48 -20.66 10.98
CA SER B 95 31.67 -20.94 12.41
C SER B 95 32.23 -19.69 13.06
N HIS B 96 31.65 -19.29 14.18
CA HIS B 96 32.06 -18.08 14.89
C HIS B 96 32.24 -18.38 16.37
N LEU B 97 33.26 -17.77 16.97
CA LEU B 97 33.53 -17.93 18.39
C LEU B 97 32.78 -16.85 19.16
N THR B 98 31.93 -17.28 20.09
CA THR B 98 31.04 -16.36 20.79
C THR B 98 31.79 -15.54 21.84
N GLU B 99 31.14 -14.48 22.29
CA GLU B 99 31.70 -13.64 23.33
C GLU B 99 31.78 -14.40 24.64
N GLY B 100 32.74 -14.01 25.49
CA GLY B 100 32.92 -14.64 26.77
C GLY B 100 31.74 -14.38 27.69
N PRO B 101 31.85 -14.88 28.93
CA PRO B 101 32.98 -15.67 29.44
C PRO B 101 33.02 -17.09 28.87
N HIS B 102 31.89 -17.78 28.88
CA HIS B 102 31.84 -19.16 28.41
C HIS B 102 32.35 -19.26 26.98
N ARG B 103 33.02 -20.37 26.69
CA ARG B 103 33.63 -20.62 25.39
C ARG B 103 32.69 -21.48 24.56
N VAL B 104 32.06 -20.88 23.56
CA VAL B 104 31.13 -21.57 22.67
C VAL B 104 31.51 -21.26 21.24
N VAL B 105 31.42 -22.28 20.38
CA VAL B 105 31.59 -22.11 18.93
C VAL B 105 30.23 -22.35 18.28
N ALA B 106 29.79 -21.39 17.48
CA ALA B 106 28.47 -21.40 16.87
C ALA B 106 28.61 -21.68 15.38
N HIS B 107 28.00 -22.76 14.92
CA HIS B 107 28.06 -23.19 13.52
C HIS B 107 26.76 -22.83 12.83
N LEU B 108 26.83 -21.97 11.82
CA LEU B 108 25.66 -21.51 11.10
C LEU B 108 25.46 -22.36 9.86
N TYR B 109 24.25 -22.86 9.67
CA TYR B 109 23.84 -23.55 8.46
C TYR B 109 22.78 -22.70 7.75
N ALA B 110 22.74 -22.80 6.42
CA ALA B 110 21.83 -21.99 5.64
C ALA B 110 21.41 -22.76 4.39
N ARG B 111 20.12 -22.67 4.07
CA ARG B 111 19.58 -23.30 2.87
C ARG B 111 18.53 -22.37 2.28
N GLN B 112 18.65 -22.10 0.98
CA GLN B 112 17.64 -21.35 0.26
C GLN B 112 16.47 -22.27 -0.07
N LEU B 113 15.26 -21.74 0.05
CA LEU B 113 14.05 -22.44 -0.30
C LEU B 113 13.22 -21.57 -1.23
N THR B 114 12.19 -22.16 -1.82
CA THR B 114 11.17 -21.37 -2.47
C THR B 114 10.23 -20.80 -1.41
N LEU B 115 9.62 -19.67 -1.73
CA LEU B 115 8.67 -19.07 -0.79
C LEU B 115 7.56 -20.05 -0.43
N GLU B 116 7.20 -20.92 -1.37
CA GLU B 116 6.23 -21.99 -1.08
C GLU B 116 6.77 -22.94 -0.02
N GLN B 117 8.02 -23.41 -0.21
CA GLN B 117 8.61 -24.34 0.75
C GLN B 117 8.81 -23.68 2.10
N LEU B 118 9.18 -22.40 2.11
CA LEU B 118 9.35 -21.69 3.38
C LEU B 118 8.04 -21.62 4.15
N HIS B 119 6.94 -21.33 3.45
CA HIS B 119 5.64 -21.30 4.11
C HIS B 119 5.24 -22.68 4.61
N ALA B 120 5.63 -23.73 3.89
CA ALA B 120 5.36 -25.08 4.36
C ALA B 120 6.09 -25.36 5.67
N VAL B 121 7.32 -24.84 5.80
CA VAL B 121 8.05 -24.99 7.06
C VAL B 121 7.33 -24.28 8.18
N GLU B 122 6.80 -23.09 7.90
CA GLU B 122 6.03 -22.36 8.91
C GLU B 122 4.80 -23.15 9.35
N ILE B 123 4.15 -23.84 8.41
CA ILE B 123 2.97 -24.63 8.75
C ILE B 123 3.36 -25.82 9.63
N SER B 124 4.48 -26.49 9.30
N SER B 124 4.47 -26.49 9.30
CA SER B 124 4.91 -27.63 10.10
CA SER B 124 4.92 -27.62 10.09
C SER B 124 5.35 -27.20 11.49
C SER B 124 5.34 -27.19 11.50
N ALA B 125 5.90 -25.99 11.63
CA ALA B 125 6.39 -25.53 12.93
C ALA B 125 5.25 -25.39 13.93
N VAL B 126 4.08 -24.94 13.48
CA VAL B 126 2.95 -24.79 14.38
C VAL B 126 2.49 -26.13 14.93
N HIS B 127 2.75 -27.22 14.19
CA HIS B 127 2.34 -28.55 14.62
C HIS B 127 3.49 -29.35 15.25
N SER B 128 4.64 -28.72 15.44
CA SER B 128 5.82 -29.45 15.88
C SER B 128 5.71 -29.85 17.35
N ARG B 129 6.67 -30.66 17.79
CA ARG B 129 6.66 -31.16 19.17
C ARG B 129 7.03 -30.07 20.16
N ASP B 130 7.98 -29.20 19.80
CA ASP B 130 8.49 -28.19 20.71
C ASP B 130 7.75 -26.86 20.60
N HIS B 131 6.70 -26.79 19.80
CA HIS B 131 5.92 -25.56 19.68
C HIS B 131 5.18 -25.30 20.99
N GLY B 132 5.43 -24.15 21.60
CA GLY B 132 4.88 -23.85 22.90
C GLY B 132 5.72 -24.34 24.06
N LEU B 133 6.86 -24.99 23.78
CA LEU B 133 7.80 -25.38 24.82
C LEU B 133 9.05 -24.54 24.65
N GLU B 134 10.01 -24.96 23.82
CA GLU B 134 11.22 -24.18 23.61
C GLU B 134 11.07 -23.14 22.51
N VAL B 135 10.14 -23.33 21.58
CA VAL B 135 9.90 -22.39 20.49
C VAL B 135 8.50 -21.82 20.67
N LEU B 136 8.42 -20.49 20.77
CA LEU B 136 7.16 -19.80 21.02
C LEU B 136 6.52 -19.25 19.75
N GLY B 137 7.17 -19.39 18.61
CA GLY B 137 6.62 -18.95 17.34
C GLY B 137 7.73 -18.56 16.38
N LEU B 138 7.47 -18.80 15.09
CA LEU B 138 8.37 -18.37 14.04
C LEU B 138 7.96 -16.99 13.53
N VAL B 139 8.95 -16.23 13.07
CA VAL B 139 8.72 -14.90 12.51
C VAL B 139 9.58 -14.74 11.27
N ARG B 140 9.09 -13.94 10.34
CA ARG B 140 9.83 -13.58 9.13
C ARG B 140 10.54 -12.25 9.36
N VAL B 141 11.81 -12.20 8.98
CA VAL B 141 12.60 -10.98 9.14
C VAL B 141 12.19 -9.99 8.06
N PRO B 142 11.77 -8.77 8.41
CA PRO B 142 11.54 -7.73 7.40
C PRO B 142 12.85 -7.09 7.00
N LEU B 143 13.25 -7.30 5.75
CA LEU B 143 14.50 -6.76 5.23
C LEU B 143 14.32 -5.40 4.57
N TYR B 144 13.09 -4.89 4.50
CA TYR B 144 12.80 -3.60 3.92
C TYR B 144 12.82 -2.52 5.00
N THR B 145 12.98 -1.28 4.57
CA THR B 145 12.86 -0.11 5.43
C THR B 145 11.76 0.79 4.87
N GLN B 146 10.91 1.29 5.76
CA GLN B 146 9.79 2.12 5.34
C GLN B 146 10.23 3.58 5.21
N LYS B 147 9.29 4.43 4.79
CA LYS B 147 9.61 5.83 4.52
C LYS B 147 10.10 6.56 5.77
N ASP B 148 9.66 6.13 6.95
CA ASP B 148 10.09 6.79 8.18
C ASP B 148 11.49 6.37 8.63
N ARG B 149 12.12 5.44 7.91
CA ARG B 149 13.51 5.02 8.09
C ARG B 149 13.73 4.16 9.33
N VAL B 150 12.65 3.67 9.98
CA VAL B 150 12.79 2.76 11.10
C VAL B 150 11.88 1.56 10.89
N GLY B 151 10.73 1.79 10.24
CA GLY B 151 9.79 0.72 9.98
C GLY B 151 10.40 -0.40 9.16
N GLY B 152 10.26 -1.62 9.65
CA GLY B 152 10.81 -2.78 8.97
C GLY B 152 12.11 -3.26 9.60
N PHE B 153 13.15 -3.38 8.78
CA PHE B 153 14.39 -4.01 9.22
C PHE B 153 15.05 -3.28 10.40
N PRO B 154 15.10 -1.95 10.46
CA PRO B 154 15.72 -1.31 11.63
C PRO B 154 14.97 -1.58 12.92
N ASN B 155 13.64 -1.46 12.92
CA ASN B 155 12.86 -1.83 14.09
C ASN B 155 13.13 -3.27 14.50
N PHE B 156 13.16 -4.19 13.52
CA PHE B 156 13.41 -5.58 13.82
C PHE B 156 14.73 -5.76 14.55
N LEU B 157 15.77 -5.08 14.09
CA LEU B 157 17.09 -5.18 14.71
C LEU B 157 17.16 -4.55 16.09
N SER B 158 16.12 -3.83 16.52
CA SER B 158 16.07 -3.27 17.85
C SER B 158 15.42 -4.22 18.87
N ASN B 159 14.95 -5.38 18.43
CA ASN B 159 14.45 -6.38 19.35
C ASN B 159 15.61 -7.01 20.12
N ALA B 160 15.28 -7.89 21.06
CA ALA B 160 16.26 -8.56 21.88
C ALA B 160 16.61 -9.91 21.25
N PHE B 161 17.88 -10.09 20.92
CA PHE B 161 18.36 -11.27 20.22
C PHE B 161 19.30 -12.09 21.10
N VAL B 162 19.41 -13.37 20.77
CA VAL B 162 20.58 -14.14 21.17
C VAL B 162 21.79 -13.49 20.53
N SER B 163 22.76 -13.06 21.37
CA SER B 163 23.87 -12.25 20.86
C SER B 163 24.49 -12.87 19.61
N THR B 164 24.66 -14.19 19.59
CA THR B 164 25.24 -14.84 18.42
C THR B 164 24.30 -14.75 17.22
N ALA B 165 22.99 -14.85 17.44
CA ALA B 165 22.05 -14.89 16.32
C ALA B 165 22.05 -13.59 15.54
N LYS B 166 22.13 -12.46 16.22
CA LYS B 166 22.13 -11.17 15.53
C LYS B 166 23.36 -11.02 14.64
N CYS B 167 24.51 -11.50 15.10
CA CYS B 167 25.71 -11.47 14.28
C CYS B 167 25.60 -12.44 13.10
N GLN B 168 25.00 -13.61 13.33
CA GLN B 168 24.86 -14.60 12.27
C GLN B 168 23.90 -14.11 11.18
N LEU B 169 22.84 -13.40 11.58
CA LEU B 169 21.92 -12.84 10.59
C LEU B 169 22.63 -11.82 9.71
N LEU B 170 23.29 -10.85 10.32
CA LEU B 170 23.96 -9.81 9.54
C LEU B 170 25.07 -10.40 8.69
N PHE B 171 25.82 -11.37 9.22
CA PHE B 171 26.85 -12.03 8.44
C PHE B 171 26.26 -12.77 7.24
N ALA B 172 25.14 -13.46 7.45
CA ALA B 172 24.58 -14.30 6.39
C ALA B 172 23.92 -13.46 5.31
N LEU B 173 23.27 -12.35 5.68
CA LEU B 173 22.67 -11.48 4.68
C LEU B 173 23.72 -10.90 3.74
N LYS B 174 24.94 -10.69 4.24
CA LYS B 174 26.00 -10.12 3.40
C LYS B 174 26.59 -11.17 2.47
N VAL B 175 27.05 -12.30 3.02
CA VAL B 175 27.76 -13.28 2.21
C VAL B 175 26.81 -14.06 1.31
N LEU B 176 25.51 -14.01 1.56
CA LEU B 176 24.53 -14.64 0.69
C LEU B 176 23.93 -13.66 -0.32
N ASN B 177 24.49 -12.45 -0.43
CA ASN B 177 24.05 -11.46 -1.41
C ASN B 177 22.56 -11.14 -1.26
N MET B 178 22.14 -10.91 -0.02
CA MET B 178 20.77 -10.53 0.28
C MET B 178 20.64 -9.09 0.74
N MET B 179 21.71 -8.50 1.30
CA MET B 179 21.70 -7.12 1.77
C MET B 179 23.07 -6.54 1.46
N PRO B 180 23.16 -5.36 0.86
CA PRO B 180 24.46 -4.70 0.69
C PRO B 180 25.04 -4.27 2.03
N GLU B 181 26.36 -4.13 2.05
CA GLU B 181 27.06 -3.70 3.26
C GLU B 181 26.46 -2.40 3.79
N GLU B 182 26.39 -1.39 2.93
CA GLU B 182 25.85 -0.08 3.33
C GLU B 182 24.38 -0.22 3.73
N LYS B 183 23.73 -1.26 3.25
CA LYS B 183 22.32 -1.50 3.57
C LYS B 183 22.16 -2.06 4.97
N LEU B 184 23.20 -2.71 5.47
CA LEU B 184 23.19 -3.29 6.81
C LEU B 184 23.61 -2.26 7.85
N VAL B 185 24.62 -1.47 7.52
CA VAL B 185 25.13 -0.45 8.42
C VAL B 185 24.04 0.58 8.71
N GLU B 186 23.36 1.01 7.66
CA GLU B 186 22.29 2.00 7.79
C GLU B 186 21.17 1.50 8.69
N ALA B 187 20.77 0.24 8.51
CA ALA B 187 19.70 -0.34 9.32
C ALA B 187 20.13 -0.50 10.77
N LEU B 188 21.37 -0.93 11.00
CA LEU B 188 21.85 -1.13 12.36
C LEU B 188 22.09 0.19 13.08
N ALA B 189 22.43 1.25 12.33
CA ALA B 189 22.60 2.56 12.95
C ALA B 189 21.26 3.16 13.35
N ALA B 190 20.23 2.98 12.52
CA ALA B 190 18.90 3.46 12.86
C ALA B 190 18.33 2.68 14.05
N ALA B 191 18.56 1.37 14.08
CA ALA B 191 18.09 0.56 15.20
C ALA B 191 18.72 1.03 16.51
N THR B 192 20.02 1.31 16.50
CA THR B 192 20.69 1.79 17.70
C THR B 192 20.16 3.16 18.12
N GLU B 193 19.99 4.07 17.17
CA GLU B 193 19.41 5.38 17.47
C GLU B 193 18.01 5.22 18.05
N LYS B 194 17.25 4.21 17.60
CA LYS B 194 15.93 3.97 18.15
C LYS B 194 16.01 3.55 19.62
N GLN B 195 16.92 2.61 19.92
CA GLN B 195 17.05 2.14 21.29
C GLN B 195 17.51 3.26 22.22
N LYS B 196 18.28 4.22 21.71
CA LYS B 196 18.64 5.38 22.51
C LYS B 196 17.45 6.32 22.66
N LYS B 197 16.78 6.64 21.56
CA LYS B 197 15.65 7.56 21.60
C LYS B 197 14.51 7.02 22.45
N ALA B 198 14.35 5.70 22.50
CA ALA B 198 13.24 5.12 23.25
C ALA B 198 13.55 5.04 24.75
N LEU B 199 14.80 4.73 25.10
CA LEU B 199 15.17 4.61 26.51
C LEU B 199 15.30 5.96 27.20
N GLU B 200 15.55 7.04 26.45
CA GLU B 200 15.61 8.36 27.04
C GLU B 200 14.22 8.94 27.29
N LYS B 201 13.23 8.54 26.49
CA LYS B 201 11.87 9.03 26.64
C LYS B 201 11.09 8.15 27.60
N VAL C 2 -19.04 22.21 -11.84
CA VAL C 2 -19.77 20.97 -12.06
C VAL C 2 -20.75 21.13 -13.21
N PRO C 3 -20.75 20.20 -14.16
CA PRO C 3 -21.79 20.23 -15.21
C PRO C 3 -23.13 19.82 -14.62
N GLU C 4 -24.08 20.75 -14.65
CA GLU C 4 -25.39 20.55 -14.02
C GLU C 4 -26.48 20.59 -15.07
N LEU C 5 -27.32 19.56 -15.08
CA LEU C 5 -28.50 19.52 -15.92
C LEU C 5 -29.69 20.12 -15.18
N LYS C 6 -30.59 20.73 -15.94
N LYS C 6 -30.58 20.73 -15.93
CA LYS C 6 -31.77 21.35 -15.35
CA LYS C 6 -31.77 21.35 -15.35
C LYS C 6 -32.64 20.30 -14.67
C LYS C 6 -32.63 20.30 -14.67
N GLN C 7 -32.75 20.37 -13.35
CA GLN C 7 -33.54 19.41 -12.60
C GLN C 7 -35.03 19.72 -12.75
N ILE C 8 -35.84 18.68 -12.60
CA ILE C 8 -37.28 18.79 -12.73
C ILE C 8 -37.92 17.80 -11.76
N SER C 9 -39.09 18.18 -11.24
CA SER C 9 -39.79 17.32 -10.30
C SER C 9 -40.38 16.11 -11.04
N ARG C 10 -40.69 15.07 -10.27
CA ARG C 10 -41.20 13.84 -10.88
C ARG C 10 -42.57 14.05 -11.49
N VAL C 11 -43.48 14.72 -10.76
CA VAL C 11 -44.82 14.93 -11.27
C VAL C 11 -44.80 15.81 -12.51
N GLU C 12 -43.94 16.83 -12.53
CA GLU C 12 -43.78 17.65 -13.72
C GLU C 12 -43.28 16.82 -14.90
N ALA C 13 -42.43 15.82 -14.63
CA ALA C 13 -41.89 14.99 -15.71
C ALA C 13 -42.96 14.08 -16.30
N MET C 14 -43.79 13.49 -15.44
CA MET C 14 -44.86 12.62 -15.92
C MET C 14 -45.95 13.38 -16.66
N ARG C 15 -45.95 14.72 -16.59
CA ARG C 15 -46.89 15.53 -17.35
C ARG C 15 -46.37 15.94 -18.71
N LEU C 16 -45.10 15.66 -19.01
CA LEU C 16 -44.54 15.98 -20.31
C LEU C 16 -45.26 15.19 -21.41
N GLY C 17 -45.37 15.80 -22.59
CA GLY C 17 -46.09 15.22 -23.67
C GLY C 17 -45.38 14.01 -24.26
N PRO C 18 -45.99 13.43 -25.29
CA PRO C 18 -45.38 12.24 -25.92
C PRO C 18 -44.09 12.51 -26.67
N GLY C 19 -43.76 13.77 -26.93
CA GLY C 19 -42.49 14.11 -27.55
C GLY C 19 -41.30 14.02 -26.64
N TRP C 20 -41.49 13.59 -25.39
CA TRP C 20 -40.41 13.45 -24.42
C TRP C 20 -40.14 11.98 -24.16
N SER C 21 -38.88 11.58 -24.28
CA SER C 21 -38.46 10.24 -23.91
C SER C 21 -38.05 10.21 -22.46
N HIS C 22 -38.18 9.03 -21.84
CA HIS C 22 -37.85 8.84 -20.44
C HIS C 22 -36.79 7.75 -20.31
N SER C 23 -35.79 8.01 -19.49
CA SER C 23 -34.78 7.01 -19.14
C SER C 23 -34.77 6.80 -17.64
N CYS C 24 -34.40 5.59 -17.23
CA CYS C 24 -34.30 5.23 -15.82
C CYS C 24 -33.01 4.46 -15.61
N HIS C 25 -32.19 4.91 -14.67
CA HIS C 25 -30.95 4.24 -14.33
C HIS C 25 -30.84 4.13 -12.82
N ALA C 26 -29.97 3.22 -12.38
CA ALA C 26 -29.81 2.91 -10.96
C ALA C 26 -28.36 3.09 -10.57
N MET C 27 -28.12 3.80 -9.46
CA MET C 27 -26.81 3.87 -8.83
C MET C 27 -26.81 2.91 -7.66
N LEU C 28 -26.03 1.84 -7.76
CA LEU C 28 -25.83 0.90 -6.68
C LEU C 28 -24.51 1.23 -6.00
N TYR C 29 -24.53 1.35 -4.68
CA TYR C 29 -23.35 1.72 -3.93
C TYR C 29 -23.40 1.09 -2.55
N ALA C 30 -22.22 0.94 -1.96
CA ALA C 30 -22.08 0.36 -0.64
C ALA C 30 -20.94 1.07 0.10
N ALA C 31 -21.09 1.18 1.41
CA ALA C 31 -20.00 1.67 2.24
C ALA C 31 -18.85 0.67 2.21
N ASN C 32 -17.65 1.17 2.00
CA ASN C 32 -16.47 0.31 1.88
C ASN C 32 -15.51 0.62 3.04
N PRO C 33 -15.28 -0.33 3.96
CA PRO C 33 -14.38 -0.07 5.08
C PRO C 33 -12.91 -0.32 4.79
N GLY C 34 -12.58 -0.88 3.63
CA GLY C 34 -11.21 -1.21 3.32
C GLY C 34 -10.41 0.00 2.85
N GLN C 35 -9.12 -0.24 2.65
CA GLN C 35 -8.19 0.78 2.19
C GLN C 35 -7.28 0.18 1.14
N LEU C 36 -6.90 1.01 0.17
CA LEU C 36 -5.99 0.60 -0.89
C LEU C 36 -4.55 0.87 -0.48
N PHE C 37 -3.68 -0.12 -0.72
CA PHE C 37 -2.26 0.00 -0.42
C PHE C 37 -2.01 0.29 1.06
N GLY C 38 -2.96 -0.06 1.92
CA GLY C 38 -2.81 0.14 3.35
C GLY C 38 -2.82 1.58 3.82
N ARG C 39 -3.24 2.52 2.98
CA ARG C 39 -3.23 3.92 3.39
C ARG C 39 -4.28 4.77 2.70
N ILE C 40 -5.04 4.26 1.74
CA ILE C 40 -6.01 5.05 0.99
C ILE C 40 -7.40 4.51 1.28
N PRO C 41 -8.17 5.15 2.14
CA PRO C 41 -9.53 4.67 2.41
C PRO C 41 -10.40 4.75 1.17
N MET C 42 -11.14 3.67 0.92
CA MET C 42 -12.01 3.61 -0.26
C MET C 42 -13.34 4.29 0.00
N ARG C 43 -13.82 4.29 1.25
CA ARG C 43 -15.00 5.04 1.66
C ARG C 43 -16.28 4.42 1.12
N PHE C 44 -16.46 4.44 -0.20
CA PHE C 44 -17.63 3.85 -0.83
C PHE C 44 -17.21 3.19 -2.14
N SER C 45 -18.07 2.30 -2.63
CA SER C 45 -17.92 1.72 -3.96
C SER C 45 -19.22 1.93 -4.72
N VAL C 46 -19.12 2.54 -5.90
CA VAL C 46 -20.27 2.78 -6.77
C VAL C 46 -20.10 1.94 -8.02
N LEU C 47 -21.20 1.33 -8.47
CA LEU C 47 -21.16 0.51 -9.68
C LEU C 47 -21.56 1.33 -10.89
N MET C 48 -20.72 1.30 -11.92
CA MET C 48 -21.05 1.78 -13.25
C MET C 48 -20.74 0.66 -14.22
N GLN C 49 -20.92 0.91 -15.52
CA GLN C 49 -20.75 -0.15 -16.50
C GLN C 49 -20.27 0.42 -17.83
N MET C 50 -19.49 -0.39 -18.54
CA MET C 50 -19.12 -0.09 -19.91
C MET C 50 -20.26 -0.46 -20.84
N ARG C 51 -20.66 0.47 -21.70
CA ARG C 51 -21.80 0.27 -22.59
C ARG C 51 -21.33 -0.24 -23.95
N PHE C 52 -22.31 -0.72 -24.73
CA PHE C 52 -22.03 -1.20 -26.08
C PHE C 52 -21.41 -0.11 -26.95
N ASP C 53 -21.69 1.15 -26.65
CA ASP C 53 -21.20 2.26 -27.47
C ASP C 53 -19.86 2.82 -26.99
N GLY C 54 -19.16 2.09 -26.12
CA GLY C 54 -17.84 2.50 -25.67
C GLY C 54 -17.83 3.53 -24.57
N LEU C 55 -18.98 3.85 -23.98
CA LEU C 55 -19.09 4.88 -22.96
C LEU C 55 -19.43 4.25 -21.62
N LEU C 56 -19.09 4.98 -20.55
CA LEU C 56 -19.47 4.59 -19.19
C LEU C 56 -20.82 5.17 -18.84
N GLY C 57 -21.64 4.36 -18.18
CA GLY C 57 -22.93 4.80 -17.71
C GLY C 57 -23.40 3.95 -16.56
N PHE C 58 -24.64 4.19 -16.14
CA PHE C 58 -25.29 3.41 -15.10
C PHE C 58 -26.18 2.34 -15.72
N PRO C 59 -26.45 1.25 -15.00
CA PRO C 59 -27.43 0.28 -15.49
C PRO C 59 -28.80 0.92 -15.67
N GLY C 60 -29.52 0.47 -16.70
CA GLY C 60 -30.82 0.97 -17.02
C GLY C 60 -30.90 1.30 -18.50
N GLY C 61 -31.88 2.13 -18.86
CA GLY C 61 -32.03 2.56 -20.24
C GLY C 61 -33.33 3.31 -20.43
N PHE C 62 -33.72 3.45 -21.69
CA PHE C 62 -34.98 4.12 -22.01
C PHE C 62 -36.16 3.28 -21.55
N VAL C 63 -37.25 3.96 -21.20
CA VAL C 63 -38.49 3.31 -20.78
C VAL C 63 -39.62 3.93 -21.57
N ASP C 64 -40.28 3.12 -22.40
CA ASP C 64 -41.42 3.57 -23.19
C ASP C 64 -42.65 3.58 -22.29
N ARG C 65 -43.11 4.77 -21.91
CA ARG C 65 -44.22 4.89 -20.96
C ARG C 65 -45.55 4.45 -21.56
N ARG C 66 -45.61 4.18 -22.88
CA ARG C 66 -46.81 3.59 -23.45
C ARG C 66 -47.06 2.20 -22.91
N PHE C 67 -46.00 1.45 -22.62
CA PHE C 67 -46.12 0.05 -22.21
C PHE C 67 -45.63 -0.24 -20.79
N TRP C 68 -44.81 0.63 -20.20
CA TRP C 68 -44.18 0.35 -18.92
C TRP C 68 -44.29 1.54 -17.99
N SER C 69 -44.47 1.26 -16.69
CA SER C 69 -44.19 2.27 -15.69
C SER C 69 -42.68 2.44 -15.54
N LEU C 70 -42.29 3.55 -14.90
CA LEU C 70 -40.87 3.84 -14.75
C LEU C 70 -40.17 2.72 -13.99
N GLU C 71 -40.78 2.22 -12.91
CA GLU C 71 -40.13 1.21 -12.09
C GLU C 71 -40.08 -0.14 -12.79
N ASP C 72 -41.16 -0.51 -13.48
CA ASP C 72 -41.17 -1.80 -14.18
C ASP C 72 -40.21 -1.80 -15.37
N GLY C 73 -40.21 -0.72 -16.16
CA GLY C 73 -39.30 -0.64 -17.29
C GLY C 73 -37.85 -0.73 -16.86
N LEU C 74 -37.51 -0.09 -15.75
CA LEU C 74 -36.14 -0.14 -15.25
C LEU C 74 -35.78 -1.55 -14.77
N ASN C 75 -36.68 -2.18 -14.01
CA ASN C 75 -36.39 -3.50 -13.45
C ASN C 75 -36.29 -4.56 -14.52
N ARG C 76 -36.93 -4.35 -15.68
CA ARG C 76 -36.74 -5.27 -16.79
C ARG C 76 -35.31 -5.20 -17.30
N VAL C 77 -34.80 -3.99 -17.51
CA VAL C 77 -33.44 -3.83 -17.99
C VAL C 77 -32.44 -4.26 -16.91
N LEU C 78 -32.73 -3.95 -15.65
CA LEU C 78 -31.86 -4.39 -14.57
C LEU C 78 -31.87 -5.90 -14.42
N GLY C 79 -32.98 -6.56 -14.76
CA GLY C 79 -33.02 -8.01 -14.77
C GLY C 79 -32.12 -8.61 -15.82
N LEU C 80 -31.96 -7.93 -16.95
CA LEU C 80 -31.08 -8.40 -18.01
C LEU C 80 -29.62 -8.06 -17.76
N GLY C 81 -29.35 -6.93 -17.11
CA GLY C 81 -28.00 -6.44 -16.97
C GLY C 81 -27.32 -6.80 -15.67
N LEU C 82 -28.10 -7.15 -14.67
CA LEU C 82 -27.55 -7.45 -13.35
C LEU C 82 -27.99 -8.80 -12.81
N GLY C 83 -29.22 -9.22 -13.09
CA GLY C 83 -29.73 -10.48 -12.58
C GLY C 83 -30.87 -10.30 -11.61
N CYS C 84 -30.70 -10.81 -10.38
CA CYS C 84 -31.76 -10.75 -9.37
C CYS C 84 -31.58 -9.48 -8.53
N LEU C 85 -32.04 -8.37 -9.11
CA LEU C 85 -32.11 -7.10 -8.38
C LEU C 85 -33.31 -6.33 -8.92
N ARG C 86 -34.15 -5.84 -8.00
N ARG C 86 -34.13 -5.84 -7.99
CA ARG C 86 -35.33 -5.08 -8.39
CA ARG C 86 -35.35 -5.12 -8.30
C ARG C 86 -35.53 -3.92 -7.44
C ARG C 86 -35.43 -3.88 -7.42
N LEU C 87 -35.83 -2.75 -8.00
CA LEU C 87 -35.99 -1.51 -7.26
C LEU C 87 -37.46 -1.12 -7.23
N THR C 88 -37.77 -0.11 -6.42
CA THR C 88 -39.13 0.36 -6.24
C THR C 88 -39.15 1.88 -6.27
N GLU C 89 -40.35 2.45 -6.09
CA GLU C 89 -40.48 3.90 -6.07
C GLU C 89 -39.70 4.52 -4.92
N ALA C 90 -39.53 3.78 -3.82
CA ALA C 90 -38.79 4.28 -2.66
C ALA C 90 -37.30 4.45 -2.93
N ASP C 91 -36.81 3.97 -4.07
CA ASP C 91 -35.42 4.18 -4.47
C ASP C 91 -35.24 5.38 -5.38
N TYR C 92 -36.34 6.02 -5.78
CA TYR C 92 -36.25 7.17 -6.69
C TYR C 92 -35.48 8.31 -6.05
N LEU C 93 -34.62 8.95 -6.84
CA LEU C 93 -33.77 10.02 -6.35
C LEU C 93 -34.03 11.34 -7.06
N SER C 94 -33.94 11.39 -8.39
CA SER C 94 -34.02 12.66 -9.09
C SER C 94 -34.45 12.46 -10.54
N SER C 95 -34.91 13.55 -11.13
CA SER C 95 -35.22 13.62 -12.55
C SER C 95 -34.57 14.86 -13.13
N HIS C 96 -33.88 14.72 -14.25
CA HIS C 96 -33.17 15.81 -14.89
C HIS C 96 -33.51 15.85 -16.37
N LEU C 97 -33.48 17.05 -16.94
CA LEU C 97 -33.65 17.25 -18.37
C LEU C 97 -32.28 17.21 -19.04
N THR C 98 -32.16 16.41 -20.09
CA THR C 98 -30.88 16.19 -20.74
C THR C 98 -30.52 17.37 -21.64
N GLU C 99 -29.28 17.34 -22.13
CA GLU C 99 -28.83 18.33 -23.11
C GLU C 99 -29.60 18.18 -24.41
N GLY C 100 -29.56 19.23 -25.22
CA GLY C 100 -30.18 19.20 -26.52
C GLY C 100 -29.45 18.25 -27.45
N PRO C 101 -30.04 17.96 -28.61
CA PRO C 101 -31.35 18.44 -29.08
C PRO C 101 -32.51 17.55 -28.67
N HIS C 102 -32.27 16.24 -28.60
CA HIS C 102 -33.33 15.29 -28.27
C HIS C 102 -33.94 15.61 -26.91
N ARG C 103 -35.23 15.39 -26.79
CA ARG C 103 -35.98 15.67 -25.56
C ARG C 103 -36.00 14.41 -24.71
N VAL C 104 -35.16 14.37 -23.68
CA VAL C 104 -35.08 13.22 -22.78
C VAL C 104 -35.10 13.71 -21.34
N VAL C 105 -35.90 13.05 -20.51
CA VAL C 105 -35.91 13.27 -19.07
C VAL C 105 -35.32 12.03 -18.42
N ALA C 106 -34.24 12.23 -17.65
CA ALA C 106 -33.48 11.13 -17.07
C ALA C 106 -33.82 10.97 -15.60
N HIS C 107 -34.40 9.84 -15.24
CA HIS C 107 -34.73 9.53 -13.86
C HIS C 107 -33.62 8.69 -13.23
N LEU C 108 -33.27 9.01 -12.00
CA LEU C 108 -32.21 8.33 -11.28
C LEU C 108 -32.78 7.67 -10.04
N TYR C 109 -32.39 6.42 -9.82
CA TYR C 109 -32.74 5.66 -8.62
C TYR C 109 -31.45 5.24 -7.93
N ALA C 110 -31.47 5.22 -6.60
CA ALA C 110 -30.29 4.90 -5.82
C ALA C 110 -30.65 3.92 -4.71
N ARG C 111 -29.80 2.92 -4.51
CA ARG C 111 -30.00 1.89 -3.50
C ARG C 111 -28.67 1.63 -2.82
N GLN C 112 -28.65 1.78 -1.49
CA GLN C 112 -27.46 1.47 -0.70
C GLN C 112 -27.49 0.00 -0.32
N LEU C 113 -26.45 -0.73 -0.70
CA LEU C 113 -26.29 -2.13 -0.38
C LEU C 113 -25.12 -2.30 0.59
N THR C 114 -24.99 -3.51 1.13
CA THR C 114 -23.76 -3.88 1.80
C THR C 114 -22.73 -4.26 0.76
N LEU C 115 -21.45 -4.13 1.12
CA LEU C 115 -20.39 -4.43 0.17
C LEU C 115 -20.49 -5.87 -0.33
N GLU C 116 -20.90 -6.80 0.53
CA GLU C 116 -21.09 -8.19 0.10
C GLU C 116 -22.26 -8.32 -0.86
N GLN C 117 -23.30 -7.50 -0.69
CA GLN C 117 -24.42 -7.50 -1.63
C GLN C 117 -24.04 -6.84 -2.94
N LEU C 118 -23.22 -5.79 -2.88
CA LEU C 118 -22.73 -5.16 -4.10
C LEU C 118 -21.88 -6.13 -4.90
N HIS C 119 -21.04 -6.92 -4.22
CA HIS C 119 -20.23 -7.92 -4.91
C HIS C 119 -21.10 -9.01 -5.51
N ALA C 120 -22.18 -9.39 -4.82
CA ALA C 120 -23.09 -10.39 -5.35
C ALA C 120 -23.76 -9.89 -6.63
N VAL C 121 -23.98 -8.58 -6.74
CA VAL C 121 -24.51 -8.02 -7.98
C VAL C 121 -23.47 -8.11 -9.10
N GLU C 122 -22.20 -7.87 -8.77
CA GLU C 122 -21.14 -8.02 -9.75
C GLU C 122 -21.06 -9.45 -10.26
N ILE C 123 -21.28 -10.42 -9.37
CA ILE C 123 -21.23 -11.83 -9.76
C ILE C 123 -22.45 -12.18 -10.59
N SER C 124 -23.61 -11.62 -10.25
CA SER C 124 -24.80 -11.87 -11.05
C SER C 124 -24.71 -11.21 -12.41
N ALA C 125 -24.06 -10.04 -12.48
CA ALA C 125 -23.96 -9.32 -13.76
C ALA C 125 -23.08 -10.05 -14.76
N VAL C 126 -22.04 -10.73 -14.29
CA VAL C 126 -21.16 -11.45 -15.20
C VAL C 126 -21.85 -12.70 -15.75
N HIS C 127 -22.90 -13.17 -15.09
CA HIS C 127 -23.71 -14.29 -15.57
C HIS C 127 -25.02 -13.84 -16.21
N SER C 128 -25.16 -12.55 -16.51
CA SER C 128 -26.43 -12.01 -16.95
C SER C 128 -26.62 -12.18 -18.46
N ARG C 129 -27.84 -11.88 -18.91
N ARG C 129 -27.83 -11.86 -18.92
CA ARG C 129 -28.20 -12.08 -20.31
CA ARG C 129 -28.17 -12.09 -20.32
C ARG C 129 -27.42 -11.13 -21.23
C ARG C 129 -27.43 -11.13 -21.24
N ASP C 130 -27.54 -9.83 -20.99
CA ASP C 130 -26.97 -8.83 -21.89
C ASP C 130 -25.48 -8.61 -21.68
N HIS C 131 -24.82 -9.40 -20.84
CA HIS C 131 -23.37 -9.31 -20.73
C HIS C 131 -22.74 -9.72 -22.04
N GLY C 132 -21.78 -8.94 -22.51
CA GLY C 132 -21.19 -9.14 -23.81
C GLY C 132 -22.03 -8.64 -24.96
N LEU C 133 -23.22 -8.09 -24.69
CA LEU C 133 -24.05 -7.49 -25.72
C LEU C 133 -24.16 -6.01 -25.40
N GLU C 134 -25.23 -5.58 -24.73
CA GLU C 134 -25.41 -4.17 -24.42
C GLU C 134 -24.54 -3.69 -23.27
N VAL C 135 -24.05 -4.61 -22.43
CA VAL C 135 -23.18 -4.27 -21.31
C VAL C 135 -21.88 -5.03 -21.51
N LEU C 136 -20.76 -4.31 -21.52
CA LEU C 136 -19.46 -4.93 -21.75
C LEU C 136 -18.66 -5.14 -20.46
N GLY C 137 -19.25 -4.83 -19.31
CA GLY C 137 -18.62 -5.09 -18.03
C GLY C 137 -18.90 -4.02 -17.01
N LEU C 138 -18.96 -4.43 -15.73
CA LEU C 138 -19.16 -3.50 -14.63
C LEU C 138 -17.82 -3.01 -14.10
N VAL C 139 -17.80 -1.76 -13.67
CA VAL C 139 -16.62 -1.16 -13.06
C VAL C 139 -17.03 -0.45 -11.79
N ARG C 140 -16.22 -0.59 -10.75
CA ARG C 140 -16.41 0.18 -9.53
C ARG C 140 -15.79 1.56 -9.70
N VAL C 141 -16.44 2.57 -9.15
CA VAL C 141 -15.92 3.94 -9.20
C VAL C 141 -14.89 4.11 -8.09
N PRO C 142 -13.66 4.56 -8.40
CA PRO C 142 -12.73 4.94 -7.34
C PRO C 142 -12.97 6.37 -6.88
N LEU C 143 -13.43 6.54 -5.64
CA LEU C 143 -13.71 7.87 -5.11
C LEU C 143 -12.51 8.50 -4.43
N TYR C 144 -11.47 7.73 -4.16
CA TYR C 144 -10.24 8.26 -3.60
C TYR C 144 -9.42 8.99 -4.66
N THR C 145 -8.45 9.76 -4.20
CA THR C 145 -7.46 10.40 -5.07
C THR C 145 -6.08 10.12 -4.51
N GLN C 146 -5.17 9.66 -5.36
CA GLN C 146 -3.82 9.33 -4.94
C GLN C 146 -2.98 10.60 -4.77
N LYS C 147 -1.77 10.41 -4.24
CA LYS C 147 -0.90 11.54 -3.93
C LYS C 147 -0.52 12.35 -5.16
N ASP C 148 -0.56 11.75 -6.35
CA ASP C 148 -0.29 12.50 -7.56
C ASP C 148 -1.44 13.43 -7.96
N ARG C 149 -2.54 13.41 -7.21
N ARG C 149 -2.55 13.41 -7.20
CA ARG C 149 -3.69 14.30 -7.40
CA ARG C 149 -3.69 14.30 -7.40
C ARG C 149 -4.48 14.00 -8.66
C ARG C 149 -4.47 14.00 -8.67
N VAL C 150 -4.24 12.86 -9.31
CA VAL C 150 -4.99 12.47 -10.50
C VAL C 150 -5.41 11.01 -10.40
N GLY C 151 -4.52 10.18 -9.86
CA GLY C 151 -4.80 8.76 -9.71
C GLY C 151 -6.06 8.49 -8.91
N GLY C 152 -6.99 7.74 -9.48
CA GLY C 152 -8.23 7.40 -8.81
C GLY C 152 -9.43 8.09 -9.40
N PHE C 153 -10.08 8.95 -8.61
CA PHE C 153 -11.33 9.57 -9.04
C PHE C 153 -11.10 10.56 -10.18
N PRO C 154 -10.10 11.43 -10.12
CA PRO C 154 -9.90 12.36 -11.25
C PRO C 154 -9.62 11.65 -12.56
N ASN C 155 -8.73 10.65 -12.55
CA ASN C 155 -8.52 9.84 -13.75
C ASN C 155 -9.81 9.19 -14.22
N PHE C 156 -10.62 8.70 -13.28
CA PHE C 156 -11.88 8.06 -13.65
C PHE C 156 -12.80 9.03 -14.36
N LEU C 157 -12.89 10.27 -13.87
CA LEU C 157 -13.76 11.26 -14.47
C LEU C 157 -13.29 11.69 -15.86
N SER C 158 -12.01 11.48 -16.18
CA SER C 158 -11.50 11.80 -17.49
C SER C 158 -11.87 10.76 -18.54
N ASN C 159 -12.59 9.70 -18.16
CA ASN C 159 -13.07 8.72 -19.12
C ASN C 159 -14.24 9.32 -19.92
N ALA C 160 -14.73 8.52 -20.88
CA ALA C 160 -15.86 8.93 -21.71
C ALA C 160 -17.14 8.38 -21.09
N PHE C 161 -18.06 9.28 -20.75
CA PHE C 161 -19.33 8.92 -20.13
C PHE C 161 -20.48 9.28 -21.05
N VAL C 162 -21.64 8.69 -20.78
CA VAL C 162 -22.89 9.30 -21.21
C VAL C 162 -23.07 10.58 -20.41
N SER C 163 -23.20 11.71 -21.11
CA SER C 163 -23.20 13.01 -20.45
C SER C 163 -24.13 13.02 -19.24
N THR C 164 -25.33 12.45 -19.40
CA THR C 164 -26.28 12.42 -18.30
C THR C 164 -25.77 11.59 -17.13
N ALA C 165 -25.01 10.52 -17.39
CA ALA C 165 -24.55 9.65 -16.32
C ALA C 165 -23.51 10.35 -15.45
N LYS C 166 -22.62 11.11 -16.05
CA LYS C 166 -21.61 11.83 -15.27
C LYS C 166 -22.24 12.84 -14.34
N CYS C 167 -23.24 13.57 -14.83
CA CYS C 167 -23.95 14.54 -13.98
C CYS C 167 -24.72 13.83 -12.89
N GLN C 168 -25.37 12.71 -13.22
CA GLN C 168 -26.08 11.94 -12.19
C GLN C 168 -25.12 11.41 -11.13
N LEU C 169 -23.93 10.96 -11.56
CA LEU C 169 -22.93 10.50 -10.60
C LEU C 169 -22.57 11.61 -9.64
N LEU C 170 -22.21 12.78 -10.15
CA LEU C 170 -21.80 13.88 -9.28
C LEU C 170 -22.96 14.41 -8.45
N PHE C 171 -24.17 14.41 -9.01
CA PHE C 171 -25.34 14.83 -8.25
C PHE C 171 -25.59 13.91 -7.07
N ALA C 172 -25.52 12.59 -7.30
CA ALA C 172 -25.86 11.64 -6.25
C ALA C 172 -24.77 11.57 -5.19
N LEU C 173 -23.50 11.61 -5.60
CA LEU C 173 -22.41 11.59 -4.62
C LEU C 173 -22.54 12.72 -3.61
N LYS C 174 -23.17 13.83 -4.01
CA LYS C 174 -23.33 14.97 -3.11
C LYS C 174 -24.54 14.80 -2.20
N VAL C 175 -25.73 14.61 -2.79
CA VAL C 175 -26.95 14.56 -1.98
C VAL C 175 -26.97 13.33 -1.10
N LEU C 176 -26.29 12.25 -1.51
CA LEU C 176 -26.18 11.07 -0.67
C LEU C 176 -25.04 11.17 0.34
N ASN C 177 -24.35 12.31 0.40
CA ASN C 177 -23.34 12.57 1.44
C ASN C 177 -22.16 11.62 1.35
N MET C 178 -21.81 11.20 0.13
CA MET C 178 -20.65 10.34 -0.06
C MET C 178 -19.39 11.13 -0.36
N MET C 179 -19.52 12.30 -0.99
CA MET C 179 -18.39 13.14 -1.35
C MET C 179 -18.74 14.59 -1.06
N PRO C 180 -17.87 15.33 -0.38
CA PRO C 180 -18.13 16.77 -0.23
C PRO C 180 -18.06 17.48 -1.57
N GLU C 181 -18.90 18.50 -1.73
CA GLU C 181 -18.91 19.27 -2.97
C GLU C 181 -17.55 19.89 -3.24
N GLU C 182 -16.78 20.17 -2.18
CA GLU C 182 -15.44 20.72 -2.37
C GLU C 182 -14.53 19.73 -3.06
N LYS C 183 -14.66 18.44 -2.73
CA LYS C 183 -13.85 17.40 -3.36
C LYS C 183 -14.36 17.03 -4.75
N LEU C 184 -15.64 17.25 -5.02
CA LEU C 184 -16.18 16.97 -6.35
C LEU C 184 -15.71 18.00 -7.36
N VAL C 185 -15.71 19.28 -6.99
CA VAL C 185 -15.22 20.32 -7.89
C VAL C 185 -13.72 20.16 -8.12
N GLU C 186 -12.99 19.77 -7.08
CA GLU C 186 -11.55 19.56 -7.21
C GLU C 186 -11.24 18.42 -8.16
N ALA C 187 -11.94 17.29 -8.00
CA ALA C 187 -11.70 16.14 -8.88
C ALA C 187 -12.03 16.48 -10.32
N LEU C 188 -13.11 17.24 -10.55
CA LEU C 188 -13.46 17.66 -11.89
C LEU C 188 -12.37 18.54 -12.50
N ALA C 189 -11.91 19.54 -11.73
CA ALA C 189 -10.85 20.40 -12.22
C ALA C 189 -9.60 19.60 -12.56
N ALA C 190 -9.22 18.65 -11.70
CA ALA C 190 -8.06 17.82 -11.97
C ALA C 190 -8.30 16.94 -13.19
N ALA C 191 -9.53 16.48 -13.40
CA ALA C 191 -9.83 15.65 -14.56
C ALA C 191 -9.79 16.47 -15.85
N THR C 192 -10.34 17.69 -15.82
CA THR C 192 -10.34 18.53 -17.02
C THR C 192 -8.92 18.98 -17.37
N GLU C 193 -8.15 19.41 -16.37
CA GLU C 193 -6.76 19.77 -16.63
C GLU C 193 -6.00 18.60 -17.24
N LYS C 194 -6.21 17.40 -16.71
CA LYS C 194 -5.55 16.22 -17.27
C LYS C 194 -5.93 16.02 -18.73
N GLN C 195 -7.21 16.23 -19.06
CA GLN C 195 -7.66 16.05 -20.44
C GLN C 195 -7.00 17.06 -21.36
N LYS C 196 -6.90 18.32 -20.94
CA LYS C 196 -6.28 19.34 -21.77
C LYS C 196 -4.80 19.04 -21.98
N LYS C 197 -4.08 18.70 -20.91
CA LYS C 197 -2.66 18.34 -21.04
C LYS C 197 -2.49 17.14 -21.95
N ALA C 198 -3.48 16.25 -22.02
CA ALA C 198 -3.37 15.07 -22.87
C ALA C 198 -3.44 15.45 -24.35
N LEU C 199 -4.33 16.38 -24.71
CA LEU C 199 -4.45 16.81 -26.09
C LEU C 199 -3.24 17.64 -26.51
N GLU C 200 -2.81 18.58 -25.64
CA GLU C 200 -1.64 19.39 -25.96
C GLU C 200 -0.40 18.54 -26.14
N LYS C 201 -0.31 17.40 -25.43
CA LYS C 201 0.86 16.54 -25.54
C LYS C 201 0.94 15.85 -26.91
N LEU C 202 -0.17 15.78 -27.64
CA LEU C 202 -0.19 15.15 -28.96
C LEU C 202 -0.78 16.10 -30.00
N LEU C 203 -0.53 17.39 -29.85
CA LEU C 203 -0.98 18.38 -30.83
C LEU C 203 0.04 19.52 -30.93
N VAL D 2 -1.33 7.22 -34.86
CA VAL D 2 -1.23 6.04 -34.01
C VAL D 2 -0.02 6.15 -33.08
N PRO D 3 -0.25 6.28 -31.77
CA PRO D 3 0.88 6.27 -30.84
C PRO D 3 1.71 5.00 -30.99
N GLU D 4 3.02 5.15 -30.83
CA GLU D 4 3.95 4.03 -30.96
C GLU D 4 5.06 4.16 -29.92
N LEU D 5 5.47 3.02 -29.39
CA LEU D 5 6.59 2.94 -28.45
C LEU D 5 7.75 2.21 -29.12
N LYS D 6 8.95 2.41 -28.56
CA LYS D 6 10.14 1.82 -29.14
C LYS D 6 10.20 0.33 -28.80
N GLN D 7 10.48 -0.48 -29.81
CA GLN D 7 10.56 -1.92 -29.64
C GLN D 7 11.97 -2.36 -29.28
N ILE D 8 12.05 -3.43 -28.50
CA ILE D 8 13.32 -4.03 -28.12
C ILE D 8 13.14 -5.54 -28.14
N SER D 9 14.21 -6.25 -28.53
CA SER D 9 14.14 -7.70 -28.57
C SER D 9 14.06 -8.27 -27.15
N ARG D 10 13.56 -9.50 -27.05
CA ARG D 10 13.44 -10.14 -25.76
C ARG D 10 14.82 -10.40 -25.15
N VAL D 11 15.79 -10.78 -25.98
CA VAL D 11 17.13 -11.05 -25.46
C VAL D 11 17.78 -9.77 -24.95
N GLU D 12 17.57 -8.65 -25.64
CA GLU D 12 18.15 -7.39 -25.21
C GLU D 12 17.39 -6.78 -24.04
N ALA D 13 16.08 -7.03 -23.95
CA ALA D 13 15.33 -6.59 -22.78
C ALA D 13 15.78 -7.31 -21.52
N MET D 14 16.28 -8.54 -21.65
CA MET D 14 16.83 -9.27 -20.51
C MET D 14 18.24 -8.84 -20.16
N ARG D 15 18.90 -8.07 -21.04
CA ARG D 15 20.21 -7.51 -20.74
C ARG D 15 20.13 -6.17 -20.03
N LEU D 16 18.92 -5.62 -19.87
CA LEU D 16 18.76 -4.38 -19.14
C LEU D 16 19.14 -4.56 -17.67
N GLY D 17 19.65 -3.49 -17.07
CA GLY D 17 20.14 -3.55 -15.72
C GLY D 17 19.03 -3.44 -14.68
N PRO D 18 19.43 -3.53 -13.42
CA PRO D 18 18.43 -3.48 -12.33
C PRO D 18 17.62 -2.18 -12.31
N GLY D 19 18.11 -1.11 -12.92
CA GLY D 19 17.39 0.14 -12.95
C GLY D 19 16.15 0.14 -13.81
N TRP D 20 15.91 -0.93 -14.56
CA TRP D 20 14.73 -1.06 -15.40
C TRP D 20 13.69 -1.91 -14.69
N SER D 21 12.45 -1.42 -14.66
CA SER D 21 11.32 -2.22 -14.23
C SER D 21 10.79 -3.04 -15.40
N HIS D 22 10.24 -4.20 -15.09
CA HIS D 22 9.64 -5.08 -16.09
C HIS D 22 8.18 -5.29 -15.75
N SER D 23 7.30 -4.99 -16.70
CA SER D 23 5.88 -5.29 -16.58
C SER D 23 5.50 -6.37 -17.58
N CYS D 24 4.48 -7.14 -17.22
CA CYS D 24 3.95 -8.18 -18.08
C CYS D 24 2.43 -8.08 -18.09
N HIS D 25 1.86 -7.98 -19.29
N HIS D 25 1.86 -7.98 -19.29
CA HIS D 25 0.42 -7.87 -19.45
CA HIS D 25 0.42 -7.87 -19.45
C HIS D 25 -0.02 -8.82 -20.57
C HIS D 25 -0.03 -8.81 -20.56
N ALA D 26 -1.27 -9.29 -20.46
CA ALA D 26 -1.84 -10.25 -21.40
C ALA D 26 -3.04 -9.65 -22.11
N MET D 27 -3.09 -9.82 -23.43
CA MET D 27 -4.27 -9.49 -24.23
C MET D 27 -4.97 -10.79 -24.55
N LEU D 28 -6.08 -11.05 -23.86
CA LEU D 28 -6.87 -12.25 -24.05
C LEU D 28 -8.09 -11.90 -24.89
N TYR D 29 -8.25 -12.58 -26.02
CA TYR D 29 -9.32 -12.27 -26.94
C TYR D 29 -9.91 -13.57 -27.48
N ALA D 30 -11.10 -13.43 -28.07
CA ALA D 30 -11.80 -14.56 -28.64
C ALA D 30 -12.63 -14.10 -29.82
N ALA D 31 -12.75 -14.96 -30.83
CA ALA D 31 -13.68 -14.70 -31.92
C ALA D 31 -15.11 -14.69 -31.39
N ASN D 32 -15.90 -13.74 -31.87
CA ASN D 32 -17.25 -13.52 -31.37
C ASN D 32 -18.23 -13.48 -32.53
N PRO D 33 -18.98 -14.56 -32.78
CA PRO D 33 -19.99 -14.53 -33.86
C PRO D 33 -21.28 -13.84 -33.48
N GLY D 34 -21.39 -13.28 -32.27
CA GLY D 34 -22.59 -12.56 -31.90
C GLY D 34 -22.76 -11.27 -32.66
N GLN D 35 -23.99 -10.78 -32.69
CA GLN D 35 -24.33 -9.56 -33.41
C GLN D 35 -25.11 -8.64 -32.47
N LEU D 36 -24.57 -7.46 -32.20
CA LEU D 36 -25.23 -6.49 -31.35
C LEU D 36 -26.53 -6.05 -32.00
N PHE D 37 -27.62 -6.10 -31.22
CA PHE D 37 -28.97 -5.79 -31.71
C PHE D 37 -29.42 -6.75 -32.81
N GLY D 38 -28.66 -7.82 -33.04
CA GLY D 38 -28.90 -8.67 -34.19
C GLY D 38 -28.54 -8.02 -35.51
N ARG D 39 -27.76 -6.95 -35.48
N ARG D 39 -27.76 -6.95 -35.49
CA ARG D 39 -27.40 -6.21 -36.69
CA ARG D 39 -27.40 -6.21 -36.69
C ARG D 39 -25.91 -6.03 -36.87
C ARG D 39 -25.91 -6.03 -36.87
N ILE D 40 -25.18 -5.71 -35.82
CA ILE D 40 -23.77 -5.34 -35.92
C ILE D 40 -22.93 -6.56 -35.54
N PRO D 41 -22.19 -7.15 -36.47
CA PRO D 41 -21.26 -8.22 -36.08
C PRO D 41 -20.16 -7.68 -35.17
N MET D 42 -19.85 -8.46 -34.13
CA MET D 42 -18.86 -8.06 -33.14
C MET D 42 -17.45 -8.50 -33.49
N ARG D 43 -17.29 -9.49 -34.36
CA ARG D 43 -16.00 -9.93 -34.86
C ARG D 43 -15.14 -10.53 -33.76
N PHE D 44 -14.63 -9.70 -32.85
CA PHE D 44 -13.78 -10.16 -31.76
C PHE D 44 -14.17 -9.50 -30.46
N SER D 45 -13.72 -10.10 -29.35
CA SER D 45 -13.86 -9.53 -28.02
C SER D 45 -12.51 -9.59 -27.33
N VAL D 46 -12.04 -8.45 -26.84
CA VAL D 46 -10.79 -8.34 -26.10
C VAL D 46 -11.11 -7.94 -24.67
N LEU D 47 -10.34 -8.46 -23.73
CA LEU D 47 -10.52 -8.16 -22.32
C LEU D 47 -9.54 -7.08 -21.88
N MET D 48 -10.08 -6.00 -21.30
CA MET D 48 -9.31 -4.99 -20.59
C MET D 48 -9.94 -4.81 -19.22
N GLN D 49 -9.37 -3.90 -18.42
CA GLN D 49 -9.83 -3.76 -17.04
C GLN D 49 -9.71 -2.32 -16.59
N MET D 50 -10.68 -1.89 -15.78
CA MET D 50 -10.55 -0.65 -15.04
C MET D 50 -9.60 -0.85 -13.86
N ARG D 51 -8.57 -0.03 -13.79
CA ARG D 51 -7.56 -0.16 -12.75
C ARG D 51 -7.92 0.67 -11.52
N PHE D 52 -7.17 0.46 -10.44
CA PHE D 52 -7.38 1.21 -9.21
C PHE D 52 -7.19 2.70 -9.42
N ASP D 53 -6.32 3.09 -10.35
CA ASP D 53 -6.04 4.50 -10.59
C ASP D 53 -7.04 5.13 -11.56
N GLY D 54 -8.13 4.44 -11.88
CA GLY D 54 -9.18 5.00 -12.71
C GLY D 54 -8.94 4.89 -14.21
N LEU D 55 -7.90 4.19 -14.63
CA LEU D 55 -7.54 4.09 -16.04
C LEU D 55 -7.80 2.68 -16.56
N LEU D 56 -7.93 2.57 -17.88
CA LEU D 56 -8.10 1.30 -18.55
C LEU D 56 -6.73 0.70 -18.87
N GLY D 57 -6.55 -0.58 -18.58
CA GLY D 57 -5.32 -1.27 -18.89
C GLY D 57 -5.60 -2.73 -19.12
N PHE D 58 -4.52 -3.49 -19.33
CA PHE D 58 -4.60 -4.93 -19.52
C PHE D 58 -4.35 -5.66 -18.21
N PRO D 59 -4.86 -6.87 -18.07
CA PRO D 59 -4.49 -7.69 -16.91
C PRO D 59 -2.97 -7.92 -16.87
N GLY D 60 -2.41 -7.79 -15.68
CA GLY D 60 -0.99 -7.97 -15.48
C GLY D 60 -0.45 -6.90 -14.55
N GLY D 61 0.87 -6.78 -14.52
CA GLY D 61 1.51 -5.80 -13.67
C GLY D 61 3.01 -5.99 -13.67
N PHE D 62 3.67 -5.27 -12.77
CA PHE D 62 5.11 -5.36 -12.63
C PHE D 62 5.51 -6.74 -12.11
N VAL D 63 6.62 -7.25 -12.64
CA VAL D 63 7.11 -8.58 -12.30
C VAL D 63 8.51 -8.46 -11.72
N ASP D 64 8.90 -9.49 -10.97
CA ASP D 64 10.23 -9.60 -10.40
C ASP D 64 10.99 -10.62 -11.22
N ARG D 65 12.04 -10.17 -11.91
CA ARG D 65 12.81 -11.04 -12.80
C ARG D 65 14.18 -11.39 -12.23
N ARG D 66 14.38 -11.20 -10.94
CA ARG D 66 15.66 -11.55 -10.32
C ARG D 66 15.93 -13.05 -10.44
N PHE D 67 14.96 -13.88 -10.02
CA PHE D 67 15.13 -15.32 -9.95
C PHE D 67 14.03 -16.07 -10.69
N TRP D 68 13.25 -15.38 -11.52
CA TRP D 68 12.12 -16.01 -12.18
C TRP D 68 12.05 -15.54 -13.63
N SER D 69 11.46 -16.39 -14.48
CA SER D 69 11.20 -16.03 -15.85
C SER D 69 10.03 -15.05 -15.94
N LEU D 70 9.96 -14.33 -17.06
CA LEU D 70 8.86 -13.41 -17.28
C LEU D 70 7.52 -14.13 -17.16
N GLU D 71 7.43 -15.34 -17.70
CA GLU D 71 6.18 -16.10 -17.66
C GLU D 71 5.80 -16.45 -16.22
N ASP D 72 6.79 -16.77 -15.39
CA ASP D 72 6.52 -17.02 -13.98
C ASP D 72 5.90 -15.79 -13.32
N GLY D 73 6.49 -14.62 -13.57
CA GLY D 73 5.94 -13.39 -13.00
C GLY D 73 4.56 -13.08 -13.54
N LEU D 74 4.42 -13.14 -14.87
CA LEU D 74 3.11 -12.90 -15.49
C LEU D 74 2.05 -13.79 -14.87
N ASN D 75 2.34 -15.08 -14.72
CA ASN D 75 1.35 -16.01 -14.18
C ASN D 75 1.05 -15.74 -12.71
N ARG D 76 2.01 -15.13 -11.99
N ARG D 76 2.01 -15.13 -11.98
CA ARG D 76 1.77 -14.77 -10.60
CA ARG D 76 1.74 -14.78 -10.60
C ARG D 76 0.81 -13.58 -10.49
C ARG D 76 0.80 -13.59 -10.50
N VAL D 77 0.96 -12.60 -11.38
CA VAL D 77 0.08 -11.43 -11.35
C VAL D 77 -1.30 -11.79 -11.91
N LEU D 78 -1.33 -12.51 -13.04
CA LEU D 78 -2.62 -12.93 -13.59
C LEU D 78 -3.38 -13.80 -12.61
N GLY D 79 -2.67 -14.63 -11.83
CA GLY D 79 -3.33 -15.41 -10.79
C GLY D 79 -4.01 -14.53 -9.76
N LEU D 80 -3.43 -13.37 -9.46
CA LEU D 80 -4.03 -12.45 -8.50
C LEU D 80 -5.14 -11.62 -9.16
N GLY D 81 -4.89 -11.13 -10.37
CA GLY D 81 -5.83 -10.24 -11.04
C GLY D 81 -6.97 -10.97 -11.73
N LEU D 82 -6.69 -12.12 -12.32
CA LEU D 82 -7.69 -12.91 -13.02
C LEU D 82 -7.97 -14.25 -12.38
N GLY D 83 -6.98 -14.87 -11.72
CA GLY D 83 -7.13 -16.23 -11.26
C GLY D 83 -7.33 -17.21 -12.38
N CYS D 84 -6.86 -16.89 -13.58
CA CYS D 84 -7.12 -17.67 -14.78
C CYS D 84 -5.98 -18.66 -15.02
N LEU D 85 -5.88 -19.17 -16.24
CA LEU D 85 -4.90 -20.20 -16.58
C LEU D 85 -3.53 -19.57 -16.80
N ARG D 86 -2.57 -20.39 -17.23
CA ARG D 86 -1.17 -19.99 -17.32
C ARG D 86 -0.77 -19.82 -18.78
N LEU D 87 -0.07 -18.74 -19.06
CA LEU D 87 0.50 -18.48 -20.37
C LEU D 87 1.97 -18.91 -20.39
N THR D 88 2.49 -19.08 -21.61
CA THR D 88 3.86 -19.56 -21.81
C THR D 88 4.59 -18.62 -22.77
N GLU D 89 5.85 -18.95 -23.05
N GLU D 89 5.85 -18.94 -23.05
CA GLU D 89 6.64 -18.15 -23.97
CA GLU D 89 6.63 -18.13 -23.97
C GLU D 89 5.99 -18.09 -25.35
C GLU D 89 6.03 -18.12 -25.37
N ALA D 90 5.22 -19.11 -25.71
CA ALA D 90 4.55 -19.12 -27.01
C ALA D 90 3.47 -18.05 -27.11
N ASP D 91 3.06 -17.48 -25.98
CA ASP D 91 2.09 -16.39 -25.96
C ASP D 91 2.76 -15.01 -25.94
N TYR D 92 4.09 -14.96 -25.87
CA TYR D 92 4.81 -13.70 -25.89
C TYR D 92 4.69 -13.06 -27.27
N LEU D 93 4.39 -11.76 -27.29
CA LEU D 93 4.20 -11.04 -28.54
C LEU D 93 5.24 -9.96 -28.77
N SER D 94 5.60 -9.17 -27.76
CA SER D 94 6.48 -8.04 -28.00
C SER D 94 6.98 -7.49 -26.67
N SER D 95 8.07 -6.72 -26.76
CA SER D 95 8.58 -5.92 -25.66
C SER D 95 8.76 -4.50 -26.16
N HIS D 96 8.26 -3.53 -25.40
CA HIS D 96 8.39 -2.13 -25.75
C HIS D 96 8.98 -1.37 -24.57
N LEU D 97 9.82 -0.38 -24.88
CA LEU D 97 10.23 0.59 -23.88
C LEU D 97 9.12 1.62 -23.74
N THR D 98 8.68 1.88 -22.51
CA THR D 98 7.60 2.82 -22.29
C THR D 98 8.12 4.25 -22.41
N GLU D 99 7.19 5.20 -22.41
CA GLU D 99 7.59 6.60 -22.33
C GLU D 99 8.09 6.90 -20.92
N GLY D 100 8.82 7.99 -20.79
CA GLY D 100 9.45 8.33 -19.54
C GLY D 100 8.46 8.83 -18.52
N PRO D 101 8.96 9.34 -17.37
CA PRO D 101 10.40 9.41 -17.05
C PRO D 101 10.99 8.09 -16.56
N HIS D 102 10.18 7.22 -15.98
CA HIS D 102 10.69 6.00 -15.39
C HIS D 102 11.15 5.00 -16.45
N ARG D 103 12.17 4.22 -16.11
CA ARG D 103 12.72 3.21 -17.00
C ARG D 103 11.89 1.93 -16.84
N VAL D 104 11.04 1.66 -17.83
CA VAL D 104 10.11 0.53 -17.78
C VAL D 104 10.09 -0.14 -19.15
N VAL D 105 10.25 -1.45 -19.16
CA VAL D 105 10.07 -2.26 -20.36
C VAL D 105 8.80 -3.07 -20.18
N ALA D 106 7.90 -2.98 -21.16
CA ALA D 106 6.58 -3.60 -21.08
C ALA D 106 6.52 -4.79 -22.03
N HIS D 107 6.36 -5.98 -21.45
CA HIS D 107 6.24 -7.20 -22.23
C HIS D 107 4.78 -7.52 -22.43
N LEU D 108 4.38 -7.76 -23.69
CA LEU D 108 3.00 -8.01 -24.05
C LEU D 108 2.84 -9.49 -24.39
N TYR D 109 1.81 -10.10 -23.82
CA TYR D 109 1.43 -11.47 -24.13
C TYR D 109 0.02 -11.47 -24.73
N ALA D 110 -0.21 -12.37 -25.68
CA ALA D 110 -1.50 -12.48 -26.34
C ALA D 110 -1.86 -13.95 -26.48
N ARG D 111 -3.13 -14.27 -26.30
CA ARG D 111 -3.61 -15.63 -26.49
C ARG D 111 -5.08 -15.60 -26.91
N GLN D 112 -5.37 -16.24 -28.03
CA GLN D 112 -6.74 -16.37 -28.50
C GLN D 112 -7.43 -17.50 -27.75
N LEU D 113 -8.57 -17.19 -27.16
CA LEU D 113 -9.38 -18.16 -26.45
C LEU D 113 -10.70 -18.35 -27.20
N THR D 114 -11.38 -19.45 -26.89
CA THR D 114 -12.76 -19.58 -27.31
C THR D 114 -13.62 -18.59 -26.52
N LEU D 115 -14.71 -18.15 -27.13
CA LEU D 115 -15.58 -17.19 -26.45
C LEU D 115 -16.03 -17.74 -25.10
N GLU D 116 -16.17 -19.06 -24.98
N GLU D 116 -16.20 -19.06 -24.99
CA GLU D 116 -16.56 -19.67 -23.71
CA GLU D 116 -16.55 -19.67 -23.72
C GLU D 116 -15.41 -19.62 -22.72
C GLU D 116 -15.40 -19.57 -22.73
N GLN D 117 -14.17 -19.77 -23.19
CA GLN D 117 -13.01 -19.65 -22.31
C GLN D 117 -12.84 -18.20 -21.85
N LEU D 118 -12.94 -17.25 -22.79
CA LEU D 118 -12.87 -15.84 -22.43
C LEU D 118 -13.89 -15.49 -21.35
N HIS D 119 -15.11 -16.03 -21.48
CA HIS D 119 -16.14 -15.76 -20.49
C HIS D 119 -15.81 -16.41 -19.15
N ALA D 120 -15.16 -17.57 -19.16
CA ALA D 120 -14.73 -18.20 -17.92
C ALA D 120 -13.69 -17.36 -17.21
N VAL D 121 -12.90 -16.58 -17.95
CA VAL D 121 -11.94 -15.67 -17.33
C VAL D 121 -12.66 -14.53 -16.62
N GLU D 122 -13.71 -13.99 -17.25
CA GLU D 122 -14.50 -12.94 -16.61
C GLU D 122 -15.14 -13.44 -15.31
N ILE D 123 -15.69 -14.65 -15.35
CA ILE D 123 -16.27 -15.25 -14.14
C ILE D 123 -15.19 -15.45 -13.08
N SER D 124 -14.01 -15.89 -13.51
CA SER D 124 -12.91 -16.08 -12.56
C SER D 124 -12.44 -14.76 -11.98
N ALA D 125 -12.34 -13.72 -12.80
CA ALA D 125 -11.80 -12.45 -12.35
C ALA D 125 -12.65 -11.84 -11.25
N VAL D 126 -13.98 -11.94 -11.37
CA VAL D 126 -14.87 -11.33 -10.38
C VAL D 126 -14.78 -12.04 -9.04
N HIS D 127 -14.12 -13.20 -8.97
CA HIS D 127 -13.88 -13.90 -7.71
C HIS D 127 -12.43 -13.78 -7.26
N SER D 128 -11.62 -12.93 -7.91
CA SER D 128 -10.19 -12.93 -7.69
C SER D 128 -9.82 -12.12 -6.46
N ARG D 129 -8.56 -12.26 -6.02
N ARG D 129 -8.56 -12.26 -6.04
CA ARG D 129 -8.11 -11.54 -4.84
CA ARG D 129 -8.08 -11.56 -4.85
C ARG D 129 -7.98 -10.05 -5.11
C ARG D 129 -7.95 -10.05 -5.10
N ASP D 130 -7.60 -9.65 -6.32
CA ASP D 130 -7.44 -8.25 -6.65
C ASP D 130 -8.76 -7.54 -6.95
N HIS D 131 -9.85 -8.28 -7.15
CA HIS D 131 -11.12 -7.62 -7.46
C HIS D 131 -11.56 -6.75 -6.30
N GLY D 132 -11.88 -5.49 -6.60
CA GLY D 132 -12.24 -4.53 -5.59
C GLY D 132 -11.07 -3.83 -4.93
N LEU D 133 -9.85 -4.13 -5.35
CA LEU D 133 -8.65 -3.49 -4.83
C LEU D 133 -7.86 -2.87 -5.98
N GLU D 134 -6.97 -3.65 -6.59
CA GLU D 134 -6.20 -3.15 -7.72
C GLU D 134 -6.95 -3.24 -9.03
N VAL D 135 -7.99 -4.07 -9.11
CA VAL D 135 -8.79 -4.23 -10.32
C VAL D 135 -10.23 -3.89 -9.98
N LEU D 136 -10.80 -2.95 -10.74
CA LEU D 136 -12.16 -2.47 -10.48
C LEU D 136 -13.20 -3.06 -11.42
N GLY D 137 -12.80 -4.01 -12.26
CA GLY D 137 -13.73 -4.69 -13.15
C GLY D 137 -13.22 -4.83 -14.56
N LEU D 138 -13.47 -5.98 -15.17
CA LEU D 138 -13.08 -6.20 -16.54
C LEU D 138 -14.10 -5.59 -17.49
N VAL D 139 -13.62 -5.17 -18.67
CA VAL D 139 -14.49 -4.73 -19.74
C VAL D 139 -14.06 -5.42 -21.02
N ARG D 140 -15.01 -5.61 -21.92
CA ARG D 140 -14.72 -6.05 -23.27
C ARG D 140 -14.53 -4.84 -24.17
N VAL D 141 -13.62 -4.96 -25.13
CA VAL D 141 -13.41 -3.89 -26.10
C VAL D 141 -14.42 -4.03 -27.23
N PRO D 142 -15.18 -2.99 -27.57
CA PRO D 142 -16.03 -3.03 -28.77
C PRO D 142 -15.19 -2.65 -29.99
N LEU D 143 -15.07 -3.57 -30.93
CA LEU D 143 -14.30 -3.34 -32.15
C LEU D 143 -15.17 -2.89 -33.32
N TYR D 144 -16.48 -2.83 -33.13
CA TYR D 144 -17.40 -2.34 -34.15
C TYR D 144 -17.61 -0.84 -34.00
N THR D 145 -18.05 -0.22 -35.10
CA THR D 145 -18.42 1.19 -35.11
C THR D 145 -19.85 1.31 -35.59
N GLN D 146 -20.64 2.15 -34.90
CA GLN D 146 -22.04 2.32 -35.24
C GLN D 146 -22.18 3.31 -36.39
N LYS D 147 -23.42 3.51 -36.84
CA LYS D 147 -23.67 4.33 -38.02
C LYS D 147 -23.27 5.79 -37.79
N ASP D 148 -23.30 6.26 -36.54
CA ASP D 148 -22.85 7.62 -36.28
C ASP D 148 -21.33 7.75 -36.36
N ARG D 149 -20.62 6.68 -36.70
CA ARG D 149 -19.18 6.68 -36.93
C ARG D 149 -18.37 6.98 -35.67
N VAL D 150 -18.98 6.87 -34.48
CA VAL D 150 -18.26 7.10 -33.24
C VAL D 150 -18.66 6.05 -32.21
N GLY D 151 -19.92 5.66 -32.21
CA GLY D 151 -20.40 4.65 -31.27
C GLY D 151 -19.66 3.34 -31.40
N GLY D 152 -19.18 2.82 -30.27
CA GLY D 152 -18.44 1.57 -30.26
C GLY D 152 -16.96 1.77 -30.04
N PHE D 153 -16.15 1.39 -31.02
CA PHE D 153 -14.69 1.40 -30.89
C PHE D 153 -14.13 2.80 -30.80
N PRO D 154 -14.59 3.76 -31.61
CA PRO D 154 -14.07 5.13 -31.46
C PRO D 154 -14.34 5.73 -30.08
N ASN D 155 -15.57 5.64 -29.59
CA ASN D 155 -15.86 6.10 -28.23
C ASN D 155 -15.00 5.37 -27.20
N PHE D 156 -14.74 4.07 -27.42
CA PHE D 156 -13.93 3.33 -26.47
C PHE D 156 -12.49 3.85 -26.45
N LEU D 157 -11.97 4.30 -27.59
CA LEU D 157 -10.63 4.84 -27.65
C LEU D 157 -10.51 6.23 -27.05
N SER D 158 -11.64 6.89 -26.75
CA SER D 158 -11.62 8.19 -26.11
C SER D 158 -11.65 8.09 -24.58
N ASN D 159 -11.61 6.89 -24.02
CA ASN D 159 -11.53 6.73 -22.59
C ASN D 159 -10.10 6.99 -22.11
N ALA D 160 -9.90 6.94 -20.80
CA ALA D 160 -8.60 7.21 -20.20
C ALA D 160 -7.83 5.90 -20.02
N PHE D 161 -6.70 5.78 -20.72
CA PHE D 161 -5.90 4.56 -20.73
C PHE D 161 -4.56 4.80 -20.05
N VAL D 162 -3.98 3.72 -19.52
CA VAL D 162 -2.54 3.67 -19.33
C VAL D 162 -1.88 3.77 -20.70
N SER D 163 -1.08 4.82 -20.91
CA SER D 163 -0.56 5.10 -22.25
C SER D 163 0.01 3.85 -22.90
N THR D 164 0.74 3.04 -22.14
CA THR D 164 1.33 1.83 -22.70
C THR D 164 0.25 0.84 -23.14
N ALA D 165 -0.84 0.75 -22.37
CA ALA D 165 -1.90 -0.19 -22.71
C ALA D 165 -2.60 0.19 -24.01
N LYS D 166 -2.81 1.48 -24.24
CA LYS D 166 -3.45 1.92 -25.49
C LYS D 166 -2.56 1.62 -26.69
N CYS D 167 -1.26 1.87 -26.57
CA CYS D 167 -0.35 1.53 -27.66
C CYS D 167 -0.35 0.03 -27.93
N GLN D 168 -0.30 -0.78 -26.86
CA GLN D 168 -0.30 -2.23 -27.01
C GLN D 168 -1.60 -2.73 -27.63
N LEU D 169 -2.73 -2.08 -27.33
CA LEU D 169 -3.99 -2.49 -27.93
C LEU D 169 -3.98 -2.29 -29.44
N LEU D 170 -3.60 -1.09 -29.88
CA LEU D 170 -3.57 -0.81 -31.31
C LEU D 170 -2.53 -1.66 -32.02
N PHE D 171 -1.36 -1.84 -31.40
CA PHE D 171 -0.31 -2.65 -32.00
C PHE D 171 -0.77 -4.09 -32.17
N ALA D 172 -1.38 -4.66 -31.12
CA ALA D 172 -1.79 -6.06 -31.17
C ALA D 172 -2.94 -6.27 -32.15
N LEU D 173 -3.88 -5.33 -32.21
CA LEU D 173 -4.98 -5.45 -33.16
C LEU D 173 -4.48 -5.46 -34.60
N LYS D 174 -3.37 -4.77 -34.86
CA LYS D 174 -2.78 -4.77 -36.20
C LYS D 174 -2.01 -6.06 -36.47
N VAL D 175 -1.00 -6.36 -35.65
CA VAL D 175 -0.11 -7.47 -35.96
C VAL D 175 -0.81 -8.82 -35.80
N LEU D 176 -1.90 -8.89 -35.03
CA LEU D 176 -2.69 -10.10 -34.94
C LEU D 176 -3.75 -10.18 -36.03
N ASN D 177 -3.81 -9.20 -36.94
CA ASN D 177 -4.70 -9.23 -38.10
C ASN D 177 -6.16 -9.26 -37.67
N MET D 178 -6.47 -8.56 -36.58
CA MET D 178 -7.84 -8.41 -36.12
C MET D 178 -8.49 -7.13 -36.62
N MET D 179 -7.69 -6.10 -36.93
CA MET D 179 -8.18 -4.83 -37.43
C MET D 179 -7.21 -4.36 -38.51
N PRO D 180 -7.69 -3.91 -39.66
CA PRO D 180 -6.78 -3.25 -40.61
C PRO D 180 -6.22 -1.96 -40.02
N GLU D 181 -4.98 -1.64 -40.41
CA GLU D 181 -4.34 -0.43 -39.90
C GLU D 181 -5.13 0.81 -40.30
N GLU D 182 -5.80 0.78 -41.45
CA GLU D 182 -6.56 1.94 -41.91
C GLU D 182 -7.78 2.17 -41.03
N LYS D 183 -8.43 1.08 -40.58
CA LYS D 183 -9.59 1.22 -39.71
C LYS D 183 -9.18 1.63 -38.30
N LEU D 184 -7.97 1.25 -37.87
CA LEU D 184 -7.46 1.72 -36.58
C LEU D 184 -7.18 3.22 -36.61
N VAL D 185 -6.53 3.69 -37.68
CA VAL D 185 -6.28 5.12 -37.83
C VAL D 185 -7.59 5.89 -37.84
N GLU D 186 -8.55 5.43 -38.66
CA GLU D 186 -9.85 6.08 -38.76
C GLU D 186 -10.51 6.17 -37.39
N ALA D 187 -10.62 5.05 -36.69
CA ALA D 187 -11.26 5.04 -35.38
C ALA D 187 -10.51 5.91 -34.38
N LEU D 188 -9.19 5.96 -34.49
CA LEU D 188 -8.41 6.77 -33.56
C LEU D 188 -8.58 8.26 -33.85
N ALA D 189 -8.67 8.63 -35.13
CA ALA D 189 -8.89 10.02 -35.48
C ALA D 189 -10.25 10.50 -35.00
N ALA D 190 -11.27 9.65 -35.10
CA ALA D 190 -12.59 10.03 -34.61
C ALA D 190 -12.61 10.13 -33.10
N ALA D 191 -11.83 9.30 -32.40
CA ALA D 191 -11.75 9.40 -30.95
C ALA D 191 -11.06 10.68 -30.51
N THR D 192 -10.01 11.08 -31.24
CA THR D 192 -9.29 12.30 -30.89
C THR D 192 -10.17 13.54 -31.08
N GLU D 193 -10.91 13.60 -32.19
CA GLU D 193 -11.78 14.74 -32.44
C GLU D 193 -12.87 14.82 -31.38
N LYS D 194 -13.39 13.68 -30.95
CA LYS D 194 -14.35 13.67 -29.84
C LYS D 194 -13.76 14.34 -28.60
N GLN D 195 -12.54 13.96 -28.24
CA GLN D 195 -11.90 14.54 -27.08
C GLN D 195 -11.69 16.04 -27.26
N LYS D 196 -11.32 16.47 -28.47
CA LYS D 196 -11.12 17.89 -28.73
C LYS D 196 -12.43 18.66 -28.64
N LYS D 197 -13.51 18.10 -29.19
CA LYS D 197 -14.81 18.77 -29.09
C LYS D 197 -15.28 18.84 -27.65
N ALA D 198 -15.04 17.78 -26.87
CA ALA D 198 -15.47 17.77 -25.48
C ALA D 198 -14.82 18.89 -24.68
N LEU D 199 -13.58 19.22 -24.99
CA LEU D 199 -12.89 20.29 -24.26
C LEU D 199 -13.25 21.67 -24.80
N GLU D 200 -13.62 21.77 -26.07
CA GLU D 200 -14.11 23.05 -26.59
C GLU D 200 -15.34 23.52 -25.83
N LYS D 201 -16.19 22.58 -25.41
CA LYS D 201 -17.35 22.94 -24.61
C LYS D 201 -16.95 23.28 -23.18
N LEU D 202 -16.03 22.51 -22.61
N LEU D 202 -16.03 22.51 -22.61
CA LEU D 202 -15.58 22.74 -21.23
CA LEU D 202 -15.58 22.75 -21.24
C LEU D 202 -14.10 23.08 -21.20
C LEU D 202 -14.11 23.17 -21.21
N ASN E 4 -13.83 38.01 35.13
CA ASN E 4 -12.76 37.07 34.86
C ASN E 4 -13.33 35.70 34.49
N SER E 5 -13.45 35.43 33.19
CA SER E 5 -14.04 34.19 32.70
C SER E 5 -13.27 33.74 31.47
N PHE E 6 -12.76 32.51 31.51
CA PHE E 6 -12.06 31.92 30.37
C PHE E 6 -12.98 31.16 29.43
N VAL E 7 -14.25 30.97 29.80
CA VAL E 7 -15.16 30.19 28.98
C VAL E 7 -15.31 30.85 27.61
N GLY E 8 -15.15 30.05 26.56
CA GLY E 8 -15.34 30.53 25.20
C GLY E 8 -14.07 30.95 24.50
N LEU E 9 -12.92 30.90 25.16
CA LEU E 9 -11.67 31.34 24.57
C LEU E 9 -10.92 30.19 23.94
N ARG E 10 -10.35 30.44 22.76
CA ARG E 10 -9.57 29.42 22.06
C ARG E 10 -8.20 29.25 22.69
N VAL E 11 -7.77 28.01 22.85
CA VAL E 11 -6.54 27.66 23.54
C VAL E 11 -5.85 26.53 22.79
N VAL E 12 -4.61 26.27 23.17
CA VAL E 12 -3.87 25.09 22.75
C VAL E 12 -3.45 24.38 24.03
N ALA E 13 -3.98 23.17 24.24
CA ALA E 13 -3.82 22.50 25.52
C ALA E 13 -3.47 21.03 25.30
N LYS E 14 -2.89 20.43 26.33
CA LYS E 14 -2.64 19.00 26.38
C LYS E 14 -3.61 18.37 27.38
N TRP E 15 -4.15 17.20 27.01
CA TRP E 15 -5.06 16.48 27.89
C TRP E 15 -4.34 15.47 28.78
N SER E 16 -3.02 15.38 28.67
N SER E 16 -3.02 15.37 28.67
CA SER E 16 -2.21 14.55 29.53
CA SER E 16 -2.23 14.55 29.57
C SER E 16 -1.03 15.37 30.03
C SER E 16 -1.02 15.36 30.03
N SER E 17 -0.47 14.97 31.18
CA SER E 17 0.61 15.75 31.79
C SER E 17 1.85 15.80 30.90
N ASN E 18 2.08 14.78 30.06
CA ASN E 18 3.29 14.71 29.26
C ASN E 18 2.98 14.57 27.77
N GLY E 19 1.78 14.95 27.34
CA GLY E 19 1.34 14.75 25.97
C GLY E 19 1.56 15.96 25.09
N TYR E 20 0.99 15.89 23.89
CA TYR E 20 1.03 16.99 22.95
C TYR E 20 -0.07 18.01 23.26
N PHE E 21 0.14 19.23 22.79
CA PHE E 21 -0.85 20.30 22.92
C PHE E 21 -1.70 20.35 21.65
N TYR E 22 -3.02 20.35 21.82
CA TYR E 22 -3.95 20.41 20.70
C TYR E 22 -4.84 21.63 20.84
N SER E 23 -5.36 22.11 19.71
CA SER E 23 -6.21 23.29 19.70
C SER E 23 -7.61 22.95 20.18
N GLY E 24 -8.22 23.89 20.88
CA GLY E 24 -9.56 23.67 21.41
C GLY E 24 -10.10 24.94 22.03
N LYS E 25 -11.11 24.75 22.89
CA LYS E 25 -11.77 25.85 23.58
C LYS E 25 -12.09 25.43 25.01
N ILE E 26 -12.15 26.43 25.89
CA ILE E 26 -12.59 26.22 27.27
C ILE E 26 -14.12 26.35 27.31
N THR E 27 -14.77 25.37 27.93
CA THR E 27 -16.23 25.31 27.97
C THR E 27 -16.80 25.61 29.35
N ARG E 28 -16.15 25.16 30.42
CA ARG E 28 -16.66 25.33 31.77
C ARG E 28 -15.50 25.59 32.72
N ASP E 29 -15.79 26.32 33.79
CA ASP E 29 -14.83 26.56 34.87
C ASP E 29 -15.16 25.57 35.99
N VAL E 30 -14.52 24.39 35.93
CA VAL E 30 -14.77 23.36 36.93
C VAL E 30 -14.31 23.79 38.32
N GLY E 31 -13.48 24.83 38.41
CA GLY E 31 -12.99 25.30 39.69
C GLY E 31 -11.73 24.60 40.13
N ALA E 32 -11.07 25.19 41.11
CA ALA E 32 -9.81 24.66 41.65
C ALA E 32 -8.76 24.54 40.55
N GLY E 33 -8.60 25.61 39.78
CA GLY E 33 -7.63 25.61 38.69
C GLY E 33 -7.92 24.61 37.60
N LYS E 34 -9.14 24.09 37.53
CA LYS E 34 -9.52 23.08 36.56
C LYS E 34 -10.48 23.69 35.54
N TYR E 35 -10.41 23.18 34.31
CA TYR E 35 -11.21 23.69 33.21
C TYR E 35 -11.73 22.53 32.37
N LYS E 36 -13.00 22.61 32.00
CA LYS E 36 -13.57 21.73 31.00
C LYS E 36 -13.18 22.26 29.63
N LEU E 37 -12.50 21.45 28.84
CA LEU E 37 -11.96 21.87 27.55
C LEU E 37 -12.51 20.99 26.45
N LEU E 38 -13.06 21.61 25.42
CA LEU E 38 -13.55 20.91 24.23
C LEU E 38 -12.54 21.12 23.11
N PHE E 39 -11.82 20.07 22.74
CA PHE E 39 -10.85 20.16 21.67
C PHE E 39 -11.55 20.11 20.32
N ASP E 40 -10.95 20.78 19.33
CA ASP E 40 -11.55 20.83 18.00
C ASP E 40 -11.79 19.45 17.42
N ASP E 41 -11.10 18.43 17.92
CA ASP E 41 -11.29 17.06 17.46
C ASP E 41 -12.49 16.38 18.10
N GLY E 42 -13.21 17.04 19.00
CA GLY E 42 -14.39 16.47 19.63
C GLY E 42 -14.14 15.89 21.01
N TYR E 43 -12.89 15.79 21.43
CA TYR E 43 -12.58 15.27 22.75
C TYR E 43 -12.83 16.34 23.82
N GLU E 44 -13.50 15.92 24.90
CA GLU E 44 -13.86 16.81 25.97
C GLU E 44 -13.45 16.20 27.30
N CYS E 45 -12.72 16.96 28.11
CA CYS E 45 -12.23 16.46 29.39
C CYS E 45 -11.81 17.65 30.24
N ASP E 46 -11.54 17.37 31.52
CA ASP E 46 -11.05 18.37 32.45
C ASP E 46 -9.55 18.51 32.33
N VAL E 47 -9.06 19.74 32.36
CA VAL E 47 -7.64 20.04 32.16
C VAL E 47 -7.23 21.12 33.14
N LEU E 48 -6.05 20.96 33.74
CA LEU E 48 -5.53 21.95 34.67
C LEU E 48 -4.96 23.14 33.93
N GLY E 49 -5.00 24.31 34.60
CA GLY E 49 -4.56 25.54 33.97
C GLY E 49 -3.13 25.49 33.47
N LYS E 50 -2.25 24.76 34.18
CA LYS E 50 -0.86 24.65 33.77
C LYS E 50 -0.70 23.94 32.43
N ASP E 51 -1.71 23.18 32.00
CA ASP E 51 -1.66 22.45 30.75
C ASP E 51 -2.29 23.22 29.60
N ILE E 52 -2.69 24.46 29.82
CA ILE E 52 -3.45 25.25 28.85
C ILE E 52 -2.61 26.45 28.43
N LEU E 53 -2.52 26.67 27.12
CA LEU E 53 -1.87 27.84 26.55
C LEU E 53 -2.95 28.73 25.94
N LEU E 54 -3.14 29.92 26.51
CA LEU E 54 -4.11 30.87 25.99
C LEU E 54 -3.45 31.68 24.88
N CYS E 55 -3.40 31.09 23.69
CA CYS E 55 -2.84 31.75 22.53
C CYS E 55 -3.60 31.31 21.29
N ASP E 56 -4.16 32.26 20.57
CA ASP E 56 -4.85 32.01 19.32
C ASP E 56 -4.68 33.20 18.39
N PRO E 57 -4.07 33.03 17.21
CA PRO E 57 -3.45 31.81 16.71
C PRO E 57 -2.07 31.57 17.31
N ILE E 58 -1.44 30.46 16.96
CA ILE E 58 -0.07 30.21 17.43
C ILE E 58 0.86 31.27 16.84
N PRO E 59 1.66 31.96 17.65
CA PRO E 59 2.41 33.12 17.13
C PRO E 59 3.33 32.75 15.97
N LEU E 60 3.67 33.78 15.19
CA LEU E 60 4.63 33.62 14.10
C LEU E 60 5.99 33.25 14.65
N ASP E 61 6.70 32.40 13.90
CA ASP E 61 8.05 31.91 14.19
C ASP E 61 8.05 30.85 15.28
N THR E 62 6.90 30.51 15.86
CA THR E 62 6.85 29.41 16.82
C THR E 62 7.17 28.10 16.11
N GLU E 63 7.91 27.23 16.79
CA GLU E 63 8.15 25.89 16.29
C GLU E 63 6.99 25.00 16.72
N VAL E 64 6.41 24.29 15.75
CA VAL E 64 5.23 23.46 15.97
C VAL E 64 5.47 22.10 15.33
N THR E 65 4.52 21.20 15.56
CA THR E 65 4.52 19.87 14.94
C THR E 65 3.29 19.78 14.06
N ALA E 66 3.50 19.60 12.76
CA ALA E 66 2.42 19.67 11.78
C ALA E 66 2.27 18.34 11.06
N LEU E 67 1.01 18.02 10.73
CA LEU E 67 0.71 16.84 9.92
C LEU E 67 0.86 17.20 8.45
N SER E 68 1.86 16.62 7.79
CA SER E 68 2.11 16.85 6.39
C SER E 68 1.68 15.64 5.57
N GLU E 69 1.01 15.89 4.45
CA GLU E 69 0.54 14.86 3.53
C GLU E 69 -0.51 13.95 4.16
N ASP E 70 -1.02 14.29 5.33
N ASP E 70 -1.03 14.28 5.33
CA ASP E 70 -2.04 13.48 6.01
CA ASP E 70 -2.04 13.48 6.01
C ASP E 70 -1.54 12.06 6.25
C ASP E 70 -1.54 12.06 6.25
N GLU E 71 -0.33 11.96 6.82
CA GLU E 71 0.23 10.65 7.15
C GLU E 71 1.28 10.75 8.25
N TYR E 72 2.16 11.73 8.20
CA TYR E 72 3.28 11.84 9.14
C TYR E 72 3.36 13.24 9.72
N PHE E 73 3.71 13.32 10.99
CA PHE E 73 3.99 14.58 11.66
C PHE E 73 5.48 14.89 11.60
N SER E 74 5.80 16.17 11.54
CA SER E 74 7.18 16.62 11.60
C SER E 74 7.21 18.06 12.10
N ALA E 75 8.40 18.51 12.47
CA ALA E 75 8.56 19.84 13.07
C ALA E 75 8.64 20.91 11.98
N GLY E 76 8.07 22.07 12.29
CA GLY E 76 8.07 23.20 11.39
C GLY E 76 7.99 24.49 12.17
N VAL E 77 8.02 25.60 11.44
CA VAL E 77 8.01 26.94 12.03
C VAL E 77 6.87 27.72 11.41
N VAL E 78 6.04 28.33 12.26
CA VAL E 78 4.93 29.14 11.78
C VAL E 78 5.48 30.38 11.07
N LYS E 79 4.93 30.67 9.89
CA LYS E 79 5.35 31.83 9.11
C LYS E 79 4.19 32.68 8.62
N GLY E 80 2.96 32.36 9.00
CA GLY E 80 1.81 33.12 8.55
C GLY E 80 0.48 32.48 8.91
N HIS E 81 -0.58 33.29 8.93
CA HIS E 81 -1.92 32.83 9.24
C HIS E 81 -2.88 33.31 8.17
N ARG E 82 -3.97 32.57 8.01
CA ARG E 82 -5.00 32.94 7.04
C ARG E 82 -6.29 32.20 7.38
N LYS E 83 -7.39 32.93 7.44
CA LYS E 83 -8.70 32.37 7.71
C LYS E 83 -9.54 32.38 6.44
N GLU E 84 -10.24 31.28 6.18
CA GLU E 84 -11.11 31.17 5.01
C GLU E 84 -12.35 30.39 5.40
N SER E 85 -13.52 31.00 5.23
CA SER E 85 -14.80 30.37 5.56
C SER E 85 -14.81 29.89 7.01
N GLY E 86 -14.19 30.68 7.89
CA GLY E 86 -14.15 30.37 9.30
C GLY E 86 -13.03 29.44 9.72
N GLU E 87 -12.34 28.80 8.78
CA GLU E 87 -11.29 27.85 9.09
C GLU E 87 -9.94 28.55 9.04
N LEU E 88 -9.13 28.37 10.09
CA LEU E 88 -7.81 28.96 10.17
C LEU E 88 -6.78 28.05 9.51
N TYR E 89 -5.89 28.65 8.73
CA TYR E 89 -4.80 27.94 8.06
C TYR E 89 -3.47 28.52 8.51
N TYR E 90 -2.54 27.64 8.86
CA TYR E 90 -1.19 28.03 9.26
C TYR E 90 -0.22 27.82 8.10
N SER E 91 0.69 28.77 7.92
CA SER E 91 1.77 28.65 6.95
C SER E 91 3.00 28.14 7.71
N ILE E 92 3.30 26.86 7.55
CA ILE E 92 4.40 26.20 8.25
C ILE E 92 5.54 26.00 7.28
N GLU E 93 6.75 26.39 7.68
CA GLU E 93 7.95 26.20 6.88
C GLU E 93 8.73 24.99 7.41
N LYS E 94 9.01 24.04 6.52
CA LYS E 94 9.75 22.84 6.86
C LYS E 94 10.92 22.70 5.89
N GLU E 95 12.13 22.90 6.40
CA GLU E 95 13.34 22.70 5.60
C GLU E 95 13.36 23.63 4.38
N GLY E 96 12.84 24.84 4.55
CA GLY E 96 12.86 25.84 3.50
C GLY E 96 11.68 25.82 2.56
N GLN E 97 10.67 25.00 2.83
CA GLN E 97 9.47 24.92 2.00
C GLN E 97 8.25 25.18 2.84
N ARG E 98 7.41 26.12 2.40
CA ARG E 98 6.19 26.48 3.11
C ARG E 98 4.99 25.78 2.52
N LYS E 99 4.06 25.38 3.38
CA LYS E 99 2.78 24.82 2.98
C LYS E 99 1.71 25.33 3.93
N TRP E 100 0.45 25.14 3.55
CA TRP E 100 -0.69 25.53 4.38
C TRP E 100 -1.27 24.30 5.08
N TYR E 101 -1.54 24.46 6.37
CA TYR E 101 -2.08 23.38 7.20
C TYR E 101 -3.36 23.83 7.89
N LYS E 102 -4.32 22.93 7.98
CA LYS E 102 -5.51 23.19 8.79
C LYS E 102 -5.11 23.37 10.25
N ARG E 103 -6.04 23.94 11.03
CA ARG E 103 -5.75 24.21 12.44
C ARG E 103 -5.43 22.92 13.18
N MET E 104 -6.26 21.89 13.01
CA MET E 104 -6.05 20.64 13.73
C MET E 104 -4.80 19.91 13.28
N ALA E 105 -4.27 20.21 12.10
CA ALA E 105 -3.03 19.61 11.64
C ALA E 105 -1.80 20.29 12.23
N VAL E 106 -1.98 21.25 13.13
CA VAL E 106 -0.89 21.97 13.77
C VAL E 106 -1.00 21.75 15.28
N ILE E 107 0.00 21.08 15.85
CA ILE E 107 0.04 20.81 17.28
C ILE E 107 1.43 21.16 17.79
N LEU E 108 1.57 21.11 19.12
CA LEU E 108 2.84 21.36 19.77
C LEU E 108 3.29 20.10 20.51
N SER E 109 4.58 19.81 20.45
CA SER E 109 5.12 18.75 21.29
C SER E 109 5.22 19.26 22.73
N LEU E 110 5.37 18.32 23.66
CA LEU E 110 5.51 18.69 25.07
C LEU E 110 6.58 19.76 25.24
N GLU E 111 7.71 19.62 24.54
CA GLU E 111 8.79 20.60 24.67
C GLU E 111 8.42 21.92 24.01
N GLN E 112 7.73 21.87 22.86
CA GLN E 112 7.39 23.08 22.14
C GLN E 112 6.36 23.91 22.90
N GLY E 113 5.40 23.26 23.55
CA GLY E 113 4.38 23.95 24.30
C GLY E 113 4.86 24.45 25.65
N ASN E 114 5.65 23.62 26.35
CA ASN E 114 6.18 24.04 27.64
C ASN E 114 7.00 25.31 27.52
N ARG E 115 7.58 25.56 26.34
CA ARG E 115 8.33 26.79 26.12
C ARG E 115 7.44 28.01 25.98
N LEU E 116 6.11 27.84 25.97
CA LEU E 116 5.17 28.95 25.89
C LEU E 116 4.43 29.19 27.19
N ARG E 117 4.70 28.40 28.23
CA ARG E 117 3.85 28.44 29.43
C ARG E 117 3.91 29.80 30.11
N GLU E 118 5.09 30.43 30.14
CA GLU E 118 5.21 31.70 30.85
C GLU E 118 4.60 32.86 30.07
N GLN E 119 4.51 32.75 28.74
CA GLN E 119 3.92 33.80 27.93
CA GLN E 119 3.92 33.81 27.94
C GLN E 119 2.41 33.65 27.79
N TYR E 120 1.91 32.41 27.72
CA TYR E 120 0.49 32.17 27.48
C TYR E 120 -0.16 31.18 28.44
N GLY E 121 0.60 30.58 29.35
CA GLY E 121 0.05 29.57 30.22
C GLY E 121 -1.04 30.11 31.13
N LEU E 122 -1.90 29.18 31.57
CA LEU E 122 -2.97 29.49 32.51
C LEU E 122 -2.65 29.03 33.92
N GLY E 123 -1.41 28.62 34.18
CA GLY E 123 -1.03 28.14 35.49
C GLY E 123 0.47 27.86 35.60
N SER F 5 37.77 12.08 -31.39
CA SER F 5 37.02 10.88 -31.00
C SER F 5 36.06 11.24 -29.88
N PHE F 6 34.79 10.89 -30.09
CA PHE F 6 33.76 11.04 -29.06
C PHE F 6 33.66 9.81 -28.15
N VAL F 7 34.42 8.75 -28.43
CA VAL F 7 34.27 7.51 -27.69
C VAL F 7 34.77 7.67 -26.26
N GLY F 8 34.05 7.08 -25.31
CA GLY F 8 34.43 7.10 -23.92
C GLY F 8 33.88 8.25 -23.12
N LEU F 9 33.42 9.31 -23.77
CA LEU F 9 32.93 10.49 -23.07
C LEU F 9 31.54 10.24 -22.51
N ARG F 10 31.28 10.85 -21.36
CA ARG F 10 29.95 10.80 -20.76
C ARG F 10 29.03 11.78 -21.47
N VAL F 11 27.77 11.37 -21.64
CA VAL F 11 26.79 12.18 -22.35
C VAL F 11 25.43 11.98 -21.69
N VAL F 12 24.51 12.88 -22.02
CA VAL F 12 23.10 12.76 -21.66
C VAL F 12 22.33 12.75 -22.97
N ALA F 13 21.69 11.63 -23.28
CA ALA F 13 21.09 11.43 -24.59
C ALA F 13 19.75 10.74 -24.46
N LYS F 14 18.88 10.98 -25.44
CA LYS F 14 17.59 10.33 -25.52
C LYS F 14 17.62 9.27 -26.61
N TRP F 15 17.14 8.07 -26.29
CA TRP F 15 17.08 7.00 -27.26
C TRP F 15 15.80 7.05 -28.10
N SER F 16 15.04 8.14 -28.01
N SER F 16 15.03 8.14 -28.01
CA SER F 16 13.87 8.37 -28.83
CA SER F 16 13.88 8.34 -28.87
C SER F 16 13.78 9.85 -29.14
C SER F 16 13.75 9.84 -29.14
N SER F 17 13.19 10.18 -30.30
CA SER F 17 13.15 11.56 -30.75
C SER F 17 12.37 12.45 -29.77
N ASN F 18 11.29 11.92 -29.18
CA ASN F 18 10.47 12.67 -28.25
C ASN F 18 10.56 12.12 -26.83
N GLY F 19 11.69 11.49 -26.49
CA GLY F 19 11.89 10.90 -25.18
C GLY F 19 12.73 11.77 -24.25
N TYR F 20 12.90 11.26 -23.04
CA TYR F 20 13.76 11.88 -22.05
C TYR F 20 15.23 11.61 -22.38
N PHE F 21 16.11 12.46 -21.84
CA PHE F 21 17.55 12.25 -21.95
C PHE F 21 18.04 11.53 -20.70
N TYR F 22 18.83 10.48 -20.90
CA TYR F 22 19.36 9.68 -19.80
C TYR F 22 20.88 9.65 -19.85
N SER F 23 21.50 9.58 -18.67
CA SER F 23 22.94 9.56 -18.58
C SER F 23 23.51 8.29 -19.21
N GLY F 24 24.70 8.41 -19.79
CA GLY F 24 25.34 7.28 -20.39
C GLY F 24 26.70 7.67 -20.95
N LYS F 25 27.29 6.76 -21.72
CA LYS F 25 28.59 6.98 -22.33
C LYS F 25 28.55 6.52 -23.78
N ILE F 26 29.29 7.23 -24.63
CA ILE F 26 29.45 6.83 -26.02
C ILE F 26 30.48 5.71 -26.09
N THR F 27 30.08 4.57 -26.66
CA THR F 27 30.96 3.42 -26.73
C THR F 27 31.57 3.19 -28.11
N ARG F 28 31.01 3.80 -29.15
CA ARG F 28 31.55 3.63 -30.49
C ARG F 28 31.07 4.78 -31.37
N ASP F 29 31.97 5.29 -32.21
CA ASP F 29 31.67 6.36 -33.16
C ASP F 29 31.40 5.71 -34.51
N VAL F 30 30.12 5.55 -34.86
CA VAL F 30 29.75 4.98 -36.15
C VAL F 30 29.88 5.96 -37.29
N GLY F 31 30.09 7.24 -37.00
CA GLY F 31 30.13 8.25 -38.03
C GLY F 31 28.75 8.50 -38.61
N ALA F 32 28.70 9.40 -39.59
CA ALA F 32 27.44 9.79 -40.22
C ALA F 32 26.45 10.30 -39.17
N GLY F 33 26.96 11.05 -38.20
CA GLY F 33 26.12 11.59 -37.15
C GLY F 33 25.39 10.55 -36.33
N LYS F 34 26.00 9.38 -36.14
CA LYS F 34 25.38 8.29 -35.40
C LYS F 34 26.41 7.65 -34.49
N TYR F 35 26.00 7.36 -33.26
CA TYR F 35 26.91 6.85 -32.25
C TYR F 35 26.25 5.69 -31.51
N LYS F 36 27.09 4.79 -31.01
CA LYS F 36 26.65 3.76 -30.08
C LYS F 36 26.78 4.29 -28.66
N LEU F 37 25.73 4.15 -27.86
CA LEU F 37 25.69 4.71 -26.52
C LEU F 37 25.31 3.62 -25.54
N LEU F 38 26.06 3.53 -24.45
CA LEU F 38 25.78 2.60 -23.36
C LEU F 38 25.23 3.42 -22.20
N PHE F 39 23.93 3.32 -21.96
CA PHE F 39 23.31 4.04 -20.86
C PHE F 39 23.69 3.41 -19.53
N ASP F 40 23.79 4.24 -18.50
CA ASP F 40 24.15 3.75 -17.17
C ASP F 40 23.19 2.68 -16.70
N ASP F 41 21.94 2.73 -17.15
CA ASP F 41 20.94 1.73 -16.80
C ASP F 41 21.13 0.40 -17.51
N GLY F 42 22.12 0.29 -18.41
CA GLY F 42 22.42 -0.94 -19.10
C GLY F 42 21.85 -1.03 -20.50
N TYR F 43 21.04 -0.07 -20.92
CA TYR F 43 20.47 -0.08 -22.26
C TYR F 43 21.51 0.45 -23.25
N GLU F 44 21.67 -0.25 -24.36
CA GLU F 44 22.62 0.13 -25.40
C GLU F 44 21.92 0.12 -26.75
N CYS F 45 22.11 1.18 -27.53
CA CYS F 45 21.49 1.30 -28.85
C CYS F 45 22.28 2.35 -29.64
N ASP F 46 21.83 2.59 -30.87
CA ASP F 46 22.40 3.61 -31.73
C ASP F 46 21.59 4.88 -31.60
N VAL F 47 22.27 6.02 -31.47
CA VAL F 47 21.63 7.31 -31.30
C VAL F 47 22.27 8.30 -32.26
N LEU F 48 21.48 9.26 -32.72
CA LEU F 48 21.97 10.32 -33.58
C LEU F 48 22.64 11.40 -32.72
N GLY F 49 23.61 12.09 -33.33
CA GLY F 49 24.30 13.15 -32.62
C GLY F 49 23.36 14.22 -32.09
N LYS F 50 22.32 14.55 -32.87
CA LYS F 50 21.38 15.58 -32.45
C LYS F 50 20.66 15.22 -31.16
N ASP F 51 20.62 13.93 -30.81
CA ASP F 51 19.99 13.48 -29.58
C ASP F 51 20.98 13.23 -28.46
N ILE F 52 22.23 13.70 -28.61
CA ILE F 52 23.27 13.49 -27.63
C ILE F 52 23.76 14.85 -27.15
N LEU F 53 23.81 15.01 -25.83
CA LEU F 53 24.39 16.19 -25.20
C LEU F 53 25.73 15.80 -24.58
N LEU F 54 26.77 16.56 -24.88
CA LEU F 54 28.09 16.33 -24.30
C LEU F 54 28.29 17.31 -23.15
N CYS F 55 27.71 16.96 -22.00
CA CYS F 55 27.88 17.75 -20.79
C CYS F 55 27.92 16.81 -19.60
N ASP F 56 28.95 16.96 -18.78
CA ASP F 56 29.11 16.13 -17.58
C ASP F 56 30.00 16.85 -16.59
N PRO F 57 29.52 17.16 -15.37
CA PRO F 57 28.15 16.94 -14.90
C PRO F 57 27.17 17.90 -15.58
N ILE F 58 25.87 17.66 -15.40
CA ILE F 58 24.89 18.63 -15.89
C ILE F 58 25.17 19.98 -15.25
N PRO F 59 25.33 21.07 -16.00
CA PRO F 59 25.76 22.33 -15.40
C PRO F 59 24.84 22.77 -14.27
N LEU F 60 25.32 23.77 -13.52
CA LEU F 60 24.55 24.34 -12.43
C LEU F 60 23.44 25.23 -12.98
N ASP F 61 22.38 25.36 -12.20
CA ASP F 61 21.17 26.12 -12.53
C ASP F 61 20.38 25.51 -13.67
N THR F 62 20.78 24.33 -14.16
CA THR F 62 20.04 23.66 -15.22
C THR F 62 18.80 22.99 -14.63
N GLU F 63 17.66 23.19 -15.27
CA GLU F 63 16.43 22.54 -14.82
C GLU F 63 16.40 21.10 -15.33
N VAL F 64 16.19 20.16 -14.42
CA VAL F 64 16.24 18.75 -14.71
C VAL F 64 14.96 18.09 -14.20
N THR F 65 14.85 16.78 -14.44
CA THR F 65 13.80 15.96 -13.87
C THR F 65 14.46 14.94 -12.95
N ALA F 66 14.13 15.01 -11.66
CA ALA F 66 14.80 14.22 -10.65
C ALA F 66 13.79 13.31 -9.93
N LEU F 67 14.25 12.10 -9.61
CA LEU F 67 13.43 11.13 -8.89
C LEU F 67 13.56 11.39 -7.40
N SER F 68 12.47 11.81 -6.77
CA SER F 68 12.44 12.08 -5.34
C SER F 68 11.81 10.91 -4.59
N GLU F 69 12.42 10.54 -3.47
CA GLU F 69 11.93 9.45 -2.61
C GLU F 69 11.83 8.13 -3.36
N ASP F 70 12.50 8.02 -4.51
CA ASP F 70 12.51 6.78 -5.29
CA ASP F 70 12.51 6.78 -5.29
C ASP F 70 11.10 6.33 -5.67
N GLU F 71 10.17 7.28 -5.80
CA GLU F 71 8.81 6.94 -6.20
C GLU F 71 8.19 7.91 -7.21
N TYR F 72 8.58 9.19 -7.23
CA TYR F 72 7.97 10.15 -8.13
C TYR F 72 9.02 11.09 -8.69
N PHE F 73 8.83 11.48 -9.94
CA PHE F 73 9.66 12.47 -10.61
C PHE F 73 9.04 13.85 -10.49
N SER F 74 9.88 14.88 -10.58
CA SER F 74 9.43 16.26 -10.62
C SER F 74 10.59 17.12 -11.10
N ALA F 75 10.27 18.37 -11.45
CA ALA F 75 11.26 19.30 -11.95
C ALA F 75 12.06 19.90 -10.79
N GLY F 76 13.35 20.12 -11.05
CA GLY F 76 14.22 20.73 -10.05
C GLY F 76 15.36 21.43 -10.74
N VAL F 77 16.14 22.17 -9.95
CA VAL F 77 17.26 22.96 -10.44
C VAL F 77 18.54 22.41 -9.83
N VAL F 78 19.55 22.18 -10.67
CA VAL F 78 20.86 21.74 -10.20
C VAL F 78 21.52 22.90 -9.46
N LYS F 79 21.85 22.68 -8.19
CA LYS F 79 22.49 23.70 -7.36
C LYS F 79 23.87 23.30 -6.86
N GLY F 80 24.30 22.07 -7.07
CA GLY F 80 25.59 21.63 -6.60
C GLY F 80 25.91 20.22 -7.06
N HIS F 81 27.19 19.87 -6.96
CA HIS F 81 27.69 18.56 -7.36
C HIS F 81 28.59 18.02 -6.26
N ARG F 82 28.51 16.71 -6.04
CA ARG F 82 29.33 16.06 -5.02
C ARG F 82 29.64 14.65 -5.47
N LYS F 83 30.89 14.23 -5.30
CA LYS F 83 31.34 12.90 -5.66
C LYS F 83 31.70 12.14 -4.40
N GLU F 84 31.11 10.95 -4.23
CA GLU F 84 31.36 10.11 -3.06
C GLU F 84 31.69 8.69 -3.54
N SER F 85 32.93 8.27 -3.31
CA SER F 85 33.37 6.92 -3.65
C SER F 85 33.25 6.66 -5.16
N GLY F 86 33.51 7.70 -5.95
CA GLY F 86 33.54 7.58 -7.39
C GLY F 86 32.23 7.84 -8.09
N GLU F 87 31.12 7.93 -7.37
CA GLU F 87 29.81 8.18 -7.96
C GLU F 87 29.45 9.65 -7.79
N LEU F 88 28.76 10.19 -8.80
CA LEU F 88 28.35 11.59 -8.79
C LEU F 88 26.97 11.74 -8.17
N TYR F 89 26.83 12.76 -7.33
CA TYR F 89 25.54 13.14 -6.76
C TYR F 89 25.21 14.57 -7.18
N TYR F 90 23.93 14.84 -7.33
CA TYR F 90 23.44 16.16 -7.70
C TYR F 90 22.65 16.76 -6.54
N SER F 91 22.89 18.03 -6.26
CA SER F 91 22.06 18.80 -5.36
C SER F 91 20.96 19.45 -6.19
N ILE F 92 19.72 19.01 -6.01
CA ILE F 92 18.59 19.49 -6.77
C ILE F 92 17.66 20.24 -5.81
N GLU F 93 17.31 21.46 -6.18
CA GLU F 93 16.39 22.28 -5.41
C GLU F 93 15.00 22.17 -6.02
N LYS F 94 13.99 21.96 -5.17
CA LYS F 94 12.60 21.87 -5.61
C LYS F 94 11.75 22.62 -4.57
N GLU F 95 11.38 23.86 -4.89
CA GLU F 95 10.61 24.70 -3.99
C GLU F 95 11.38 24.95 -2.69
N GLY F 96 12.55 25.56 -2.83
CA GLY F 96 13.35 25.99 -1.71
C GLY F 96 13.99 24.88 -0.89
N GLN F 97 13.78 23.62 -1.26
CA GLN F 97 14.30 22.49 -0.50
C GLN F 97 15.27 21.71 -1.38
N ARG F 98 16.48 21.49 -0.87
CA ARG F 98 17.55 20.83 -1.62
C ARG F 98 17.79 19.42 -1.07
N LYS F 99 18.00 18.48 -1.98
CA LYS F 99 18.28 17.09 -1.64
C LYS F 99 19.35 16.56 -2.59
N TRP F 100 19.94 15.43 -2.23
CA TRP F 100 20.95 14.77 -3.04
C TRP F 100 20.34 13.64 -3.85
N TYR F 101 20.74 13.54 -5.11
CA TYR F 101 20.20 12.56 -6.05
C TYR F 101 21.34 11.85 -6.76
N LYS F 102 21.25 10.52 -6.83
CA LYS F 102 22.20 9.75 -7.62
C LYS F 102 22.12 10.16 -9.09
N ARG F 103 23.20 9.87 -9.82
CA ARG F 103 23.28 10.28 -11.22
C ARG F 103 22.11 9.75 -12.04
N MET F 104 21.75 8.47 -11.84
CA MET F 104 20.69 7.86 -12.62
C MET F 104 19.30 8.34 -12.22
N ALA F 105 19.18 9.08 -11.11
CA ALA F 105 17.90 9.67 -10.73
C ALA F 105 17.65 11.01 -11.42
N VAL F 106 18.64 11.57 -12.08
CA VAL F 106 18.56 12.89 -12.71
C VAL F 106 18.53 12.70 -14.21
N ILE F 107 17.44 13.13 -14.85
CA ILE F 107 17.28 13.05 -16.29
C ILE F 107 16.81 14.42 -16.79
N LEU F 108 16.63 14.53 -18.10
CA LEU F 108 16.09 15.74 -18.72
C LEU F 108 14.84 15.38 -19.51
N SER F 109 13.80 16.18 -19.35
CA SER F 109 12.64 16.07 -20.23
C SER F 109 13.05 16.43 -21.65
N LEU F 110 12.09 16.30 -22.57
CA LEU F 110 12.35 16.66 -23.95
C LEU F 110 12.76 18.12 -24.08
N GLU F 111 11.96 19.03 -23.50
N GLU F 111 11.96 19.02 -23.48
CA GLU F 111 12.27 20.46 -23.62
CA GLU F 111 12.23 20.45 -23.59
C GLU F 111 13.47 20.84 -22.79
C GLU F 111 13.49 20.82 -22.81
N GLN F 112 13.71 20.17 -21.66
CA GLN F 112 14.88 20.49 -20.85
C GLN F 112 16.17 20.15 -21.59
N GLY F 113 16.20 19.04 -22.33
CA GLY F 113 17.38 18.67 -23.09
C GLY F 113 17.50 19.36 -24.44
N ASN F 114 16.39 19.81 -25.02
CA ASN F 114 16.47 20.56 -26.26
C ASN F 114 17.11 21.93 -26.04
N ARG F 115 16.95 22.51 -24.86
CA ARG F 115 17.50 23.81 -24.56
C ARG F 115 19.02 23.79 -24.41
N LEU F 116 19.63 22.62 -24.27
CA LEU F 116 21.08 22.48 -24.17
C LEU F 116 21.71 22.02 -25.48
N ARG F 117 20.94 21.97 -26.56
CA ARG F 117 21.43 21.37 -27.80
C ARG F 117 22.52 22.22 -28.45
N GLU F 118 22.35 23.55 -28.46
CA GLU F 118 23.33 24.39 -29.13
C GLU F 118 24.65 24.43 -28.37
N GLN F 119 24.60 24.52 -27.03
CA GLN F 119 25.83 24.60 -26.26
C GLN F 119 26.55 23.26 -26.14
N TYR F 120 25.81 22.15 -26.07
CA TYR F 120 26.40 20.86 -25.77
C TYR F 120 26.05 19.77 -26.77
N GLY F 121 25.20 20.05 -27.76
CA GLY F 121 24.73 18.99 -28.63
C GLY F 121 25.78 18.55 -29.63
N LEU F 122 25.70 17.28 -30.02
CA LEU F 122 26.59 16.70 -31.02
C LEU F 122 25.97 16.71 -32.42
N GLY F 123 24.84 17.38 -32.60
CA GLY F 123 24.19 17.46 -33.89
C GLY F 123 23.09 18.49 -33.89
#